data_8C3E
# 
_entry.id   8C3E 
# 
_audit_conform.dict_name       mmcif_pdbx.dic 
_audit_conform.dict_version    5.404 
_audit_conform.dict_location   http://mmcif.pdb.org/dictionaries/ascii/mmcif_pdbx.dic 
# 
loop_
_database_2.database_id 
_database_2.database_code 
_database_2.pdbx_database_accession 
_database_2.pdbx_DOI 
PDB   8C3E         pdb_00008c3e 10.2210/pdb8c3e/pdb 
WWPDB D_1292127250 ?            ?                   
# 
loop_
_pdbx_audit_revision_history.ordinal 
_pdbx_audit_revision_history.data_content_type 
_pdbx_audit_revision_history.major_revision 
_pdbx_audit_revision_history.minor_revision 
_pdbx_audit_revision_history.revision_date 
_pdbx_audit_revision_history.part_number 
1 'Structure model' 1 0 2023-04-12 ? 
2 'Structure model' 1 1 2024-06-19 ? 
3 'Structure model' 2 0 2025-01-22 ? 
4 'Structure model' 2 1 2025-07-23 ? 
# 
loop_
_pdbx_audit_revision_details.ordinal 
_pdbx_audit_revision_details.revision_ordinal 
_pdbx_audit_revision_details.data_content_type 
_pdbx_audit_revision_details.provider 
_pdbx_audit_revision_details.type 
_pdbx_audit_revision_details.description 
_pdbx_audit_revision_details.details 
1 1 'Structure model' repository 'Initial release'        ?                    ? 
2 3 'Structure model' author     'Coordinate replacement' 'Model completeness' ? 
# 
loop_
_pdbx_audit_revision_group.ordinal 
_pdbx_audit_revision_group.revision_ordinal 
_pdbx_audit_revision_group.data_content_type 
_pdbx_audit_revision_group.group 
1 2 'Structure model' 'Data collection'        
2 3 'Structure model' Advisory                 
3 3 'Structure model' 'Atomic model'           
4 3 'Structure model' 'Data collection'        
5 3 'Structure model' 'Database references'    
6 3 'Structure model' 'Derived calculations'   
7 3 'Structure model' 'Refinement description' 
8 3 'Structure model' 'Structure summary'      
9 4 'Structure model' 'Database references'    
# 
loop_
_pdbx_audit_revision_category.ordinal 
_pdbx_audit_revision_category.revision_ordinal 
_pdbx_audit_revision_category.data_content_type 
_pdbx_audit_revision_category.category 
1  2 'Structure model' chem_comp_atom                
2  2 'Structure model' chem_comp_bond                
3  3 'Structure model' atom_site                     
4  3 'Structure model' atom_site_anisotrop           
5  3 'Structure model' entity                        
6  3 'Structure model' pdbx_contact_author           
7  3 'Structure model' pdbx_entry_details            
8  3 'Structure model' pdbx_initial_refinement_model 
9  3 'Structure model' pdbx_nonpoly_scheme           
10 3 'Structure model' pdbx_refine_tls               
11 3 'Structure model' pdbx_refine_tls_group         
12 3 'Structure model' pdbx_related_exp_data_set     
13 3 'Structure model' pdbx_struct_assembly_gen      
14 3 'Structure model' pdbx_struct_assembly_prop     
15 3 'Structure model' pdbx_struct_special_symmetry  
16 3 'Structure model' pdbx_unobs_or_zero_occ_atoms  
17 3 'Structure model' pdbx_validate_torsion         
18 3 'Structure model' refine                        
19 3 'Structure model' refine_hist                   
20 3 'Structure model' refine_ls_restr               
21 3 'Structure model' refine_ls_shell               
22 3 'Structure model' software                      
23 3 'Structure model' struct_asym                   
24 4 'Structure model' citation                      
25 4 'Structure model' citation_author               
# 
loop_
_pdbx_audit_revision_item.ordinal 
_pdbx_audit_revision_item.revision_ordinal 
_pdbx_audit_revision_item.data_content_type 
_pdbx_audit_revision_item.item 
1  3 'Structure model' '_entity.pdbx_number_of_molecules'             
2  3 'Structure model' '_pdbx_entry_details.has_protein_modification' 
3  3 'Structure model' '_pdbx_initial_refinement_model.details'       
4  3 'Structure model' '_pdbx_struct_assembly_gen.asym_id_list'       
5  3 'Structure model' '_pdbx_struct_assembly_prop.value'             
6  3 'Structure model' '_refine.B_iso_mean'                           
7  3 'Structure model' '_refine.ls_R_factor_R_free'                   
8  3 'Structure model' '_refine.ls_R_factor_R_work'                   
9  3 'Structure model' '_refine.ls_R_factor_obs'                      
10 3 'Structure model' '_refine.ls_number_reflns_obs'                 
11 3 'Structure model' '_refine.pdbx_ls_sigma_F'                      
12 3 'Structure model' '_refine.pdbx_overall_phase_error'             
13 3 'Structure model' '_refine_hist.number_atoms_solvent'            
14 3 'Structure model' '_refine_hist.number_atoms_total'              
15 3 'Structure model' '_refine_hist.pdbx_number_atoms_ligand'        
16 3 'Structure model' '_refine_hist.pdbx_number_atoms_protein'       
17 3 'Structure model' '_refine_ls_restr.dev_ideal'                   
18 3 'Structure model' '_refine_ls_restr.number'                      
19 3 'Structure model' '_refine_ls_shell.R_factor_R_free'             
20 3 'Structure model' '_refine_ls_shell.R_factor_R_work'             
21 3 'Structure model' '_software.classification'                     
22 3 'Structure model' '_software.name'                               
23 3 'Structure model' '_software.version'                            
24 4 'Structure model' '_citation.country'                            
25 4 'Structure model' '_citation.journal_abbrev'                     
26 4 'Structure model' '_citation.journal_id_CSD'                     
27 4 'Structure model' '_citation.journal_id_ISSN'                    
28 4 'Structure model' '_citation.journal_volume'                     
29 4 'Structure model' '_citation.page_first'                         
30 4 'Structure model' '_citation.page_last'                          
31 4 'Structure model' '_citation.pdbx_database_id_DOI'               
32 4 'Structure model' '_citation.pdbx_database_id_PubMed'            
33 4 'Structure model' '_citation.title'                              
34 4 'Structure model' '_citation.year'                               
# 
_pdbx_database_status.status_code                     REL 
_pdbx_database_status.status_code_sf                  REL 
_pdbx_database_status.status_code_mr                  ? 
_pdbx_database_status.entry_id                        8C3E 
_pdbx_database_status.recvd_initial_deposition_date   2022-12-23 
_pdbx_database_status.SG_entry                        N 
_pdbx_database_status.deposit_site                    PDBE 
_pdbx_database_status.process_site                    PDBE 
_pdbx_database_status.status_code_cs                  ? 
_pdbx_database_status.status_code_nmr_data            ? 
_pdbx_database_status.methods_development_category    ? 
_pdbx_database_status.pdb_format_compatible           Y 
# 
_pdbx_contact_author.id                 2 
_pdbx_contact_author.email              n.skrynnikov@spbu.ru 
_pdbx_contact_author.name_first         Nikolai 
_pdbx_contact_author.name_last          Skrynnikov 
_pdbx_contact_author.name_mi            ? 
_pdbx_contact_author.role               'principal investigator/group leader' 
_pdbx_contact_author.identifier_ORCID   0000-0002-7097-9192 
# 
loop_
_audit_author.name 
_audit_author.pdbx_ordinal 
_audit_author.identifier_ORCID 
'Korban, S.A.'        1 ? 
'Mikhailovskii, O.V.' 2 ? 
'Luzik, D.A.'         3 ? 
'Gurzhiy, V.V.'       4 ? 
'Levkina, A.D.'       5 ? 
'Kharkov, B.B.'       6 ? 
'Skrynnikov, N.R.'    7 ? 
# 
_citation.abstract                  ? 
_citation.abstract_id_CAS           ? 
_citation.book_id_ISBN              ? 
_citation.book_publisher            ? 
_citation.book_publisher_city       ? 
_citation.book_title                ? 
_citation.coordinate_linkage        ? 
_citation.country                   UK 
_citation.database_id_Medline       ? 
_citation.details                   ? 
_citation.id                        primary 
_citation.journal_abbrev            Iucrj 
_citation.journal_id_ASTM           ? 
_citation.journal_id_CSD            ? 
_citation.journal_id_ISSN           2052-2525 
_citation.journal_full              ? 
_citation.journal_issue             ? 
_citation.journal_volume            12 
_citation.language                  ? 
_citation.page_first                488 
_citation.page_last                 501 
_citation.title                     
'Using multiple computer-predicted structures as molecular replacement models: application to the antiviral mini-protein LCB2.' 
_citation.year                      2025 
_citation.database_id_CSD           ? 
_citation.pdbx_database_id_DOI      10.1107/S2052252525005123 
_citation.pdbx_database_id_PubMed   40549150 
_citation.pdbx_database_id_patent   ? 
_citation.unpublished_flag          ? 
# 
loop_
_citation_author.citation_id 
_citation_author.name 
_citation_author.ordinal 
_citation_author.identifier_ORCID 
primary 'Korban, S.A.'      1 ?                   
primary 'Mikhailovskii, O.' 2 0000-0002-2993-6748 
primary 'Gurzhiy, V.V.'     3 0000-0003-2730-6264 
primary 'Podkorytov, I.S.'  4 0000-0002-5096-1278 
primary 'Skrynnikov, N.R.'  5 0000-0002-7097-9192 
# 
loop_
_entity.id 
_entity.type 
_entity.src_method 
_entity.pdbx_description 
_entity.formula_weight 
_entity.pdbx_number_of_molecules 
_entity.pdbx_ec 
_entity.pdbx_mutation 
_entity.pdbx_fragment 
_entity.details 
1 polymer     man 'Engineered protein LCB2' 6928.858 1  ? ? ? ? 
2 non-polymer syn GLYCEROL                  92.094   4  ? ? ? ? 
3 water       nat water                     18.015   18 ? ? ? ? 
# 
_entity_poly.entity_id                      1 
_entity_poly.type                           'polypeptide(L)' 
_entity_poly.nstd_linkage                   no 
_entity_poly.nstd_monomer                   no 
_entity_poly.pdbx_seq_one_letter_code       GSSDDEDSVRYLLYMAELRYEQGNPEKAKKILEMAEFIAKRNNNEELERLVREVKKRL 
_entity_poly.pdbx_seq_one_letter_code_can   GSSDDEDSVRYLLYMAELRYEQGNPEKAKKILEMAEFIAKRNNNEELERLVREVKKRL 
_entity_poly.pdbx_strand_id                 A 
_entity_poly.pdbx_target_identifier         ? 
# 
loop_
_pdbx_entity_nonpoly.entity_id 
_pdbx_entity_nonpoly.name 
_pdbx_entity_nonpoly.comp_id 
2 GLYCEROL GOL 
3 water    HOH 
# 
loop_
_entity_poly_seq.entity_id 
_entity_poly_seq.num 
_entity_poly_seq.mon_id 
_entity_poly_seq.hetero 
1 1  GLY n 
1 2  SER n 
1 3  SER n 
1 4  ASP n 
1 5  ASP n 
1 6  GLU n 
1 7  ASP n 
1 8  SER n 
1 9  VAL n 
1 10 ARG n 
1 11 TYR n 
1 12 LEU n 
1 13 LEU n 
1 14 TYR n 
1 15 MET n 
1 16 ALA n 
1 17 GLU n 
1 18 LEU n 
1 19 ARG n 
1 20 TYR n 
1 21 GLU n 
1 22 GLN n 
1 23 GLY n 
1 24 ASN n 
1 25 PRO n 
1 26 GLU n 
1 27 LYS n 
1 28 ALA n 
1 29 LYS n 
1 30 LYS n 
1 31 ILE n 
1 32 LEU n 
1 33 GLU n 
1 34 MET n 
1 35 ALA n 
1 36 GLU n 
1 37 PHE n 
1 38 ILE n 
1 39 ALA n 
1 40 LYS n 
1 41 ARG n 
1 42 ASN n 
1 43 ASN n 
1 44 ASN n 
1 45 GLU n 
1 46 GLU n 
1 47 LEU n 
1 48 GLU n 
1 49 ARG n 
1 50 LEU n 
1 51 VAL n 
1 52 ARG n 
1 53 GLU n 
1 54 VAL n 
1 55 LYS n 
1 56 LYS n 
1 57 ARG n 
1 58 LEU n 
# 
_entity_src_gen.entity_id                          1 
_entity_src_gen.pdbx_src_id                        1 
_entity_src_gen.pdbx_alt_source_flag               sample 
_entity_src_gen.pdbx_seq_type                      'Biological sequence' 
_entity_src_gen.pdbx_beg_seq_num                   1 
_entity_src_gen.pdbx_end_seq_num                   58 
_entity_src_gen.gene_src_common_name               ? 
_entity_src_gen.gene_src_genus                     ? 
_entity_src_gen.pdbx_gene_src_gene                 ? 
_entity_src_gen.gene_src_species                   ? 
_entity_src_gen.gene_src_strain                    ? 
_entity_src_gen.gene_src_tissue                    ? 
_entity_src_gen.gene_src_tissue_fraction           ? 
_entity_src_gen.gene_src_details                   ? 
_entity_src_gen.pdbx_gene_src_fragment             ? 
_entity_src_gen.pdbx_gene_src_scientific_name      'synthetic construct' 
_entity_src_gen.pdbx_gene_src_ncbi_taxonomy_id     32630 
_entity_src_gen.pdbx_gene_src_variant              ? 
_entity_src_gen.pdbx_gene_src_cell_line            ? 
_entity_src_gen.pdbx_gene_src_atcc                 ? 
_entity_src_gen.pdbx_gene_src_organ                ? 
_entity_src_gen.pdbx_gene_src_organelle            ? 
_entity_src_gen.pdbx_gene_src_cell                 ? 
_entity_src_gen.pdbx_gene_src_cellular_location    ? 
_entity_src_gen.host_org_common_name               ? 
_entity_src_gen.pdbx_host_org_scientific_name      'Escherichia coli BL21(DE3)' 
_entity_src_gen.pdbx_host_org_ncbi_taxonomy_id     469008 
_entity_src_gen.host_org_genus                     ? 
_entity_src_gen.pdbx_host_org_gene                 ? 
_entity_src_gen.pdbx_host_org_organ                ? 
_entity_src_gen.host_org_species                   ? 
_entity_src_gen.pdbx_host_org_tissue               ? 
_entity_src_gen.pdbx_host_org_tissue_fraction      ? 
_entity_src_gen.pdbx_host_org_strain               ? 
_entity_src_gen.pdbx_host_org_variant              Rosetta 
_entity_src_gen.pdbx_host_org_cell_line            ? 
_entity_src_gen.pdbx_host_org_atcc                 ? 
_entity_src_gen.pdbx_host_org_culture_collection   ? 
_entity_src_gen.pdbx_host_org_cell                 ? 
_entity_src_gen.pdbx_host_org_organelle            ? 
_entity_src_gen.pdbx_host_org_cellular_location    ? 
_entity_src_gen.pdbx_host_org_vector_type          ? 
_entity_src_gen.pdbx_host_org_vector               ? 
_entity_src_gen.host_org_details                   ? 
_entity_src_gen.expression_system_id               ? 
_entity_src_gen.plasmid_name                       ? 
_entity_src_gen.plasmid_details                    ? 
_entity_src_gen.pdbx_description                   ? 
# 
loop_
_chem_comp.id 
_chem_comp.type 
_chem_comp.mon_nstd_flag 
_chem_comp.name 
_chem_comp.pdbx_synonyms 
_chem_comp.formula 
_chem_comp.formula_weight 
ALA 'L-peptide linking' y ALANINE         ?                               'C3 H7 N O2'     89.093  
ARG 'L-peptide linking' y ARGININE        ?                               'C6 H15 N4 O2 1' 175.209 
ASN 'L-peptide linking' y ASPARAGINE      ?                               'C4 H8 N2 O3'    132.118 
ASP 'L-peptide linking' y 'ASPARTIC ACID' ?                               'C4 H7 N O4'     133.103 
GLN 'L-peptide linking' y GLUTAMINE       ?                               'C5 H10 N2 O3'   146.144 
GLU 'L-peptide linking' y 'GLUTAMIC ACID' ?                               'C5 H9 N O4'     147.129 
GLY 'peptide linking'   y GLYCINE         ?                               'C2 H5 N O2'     75.067  
GOL non-polymer         . GLYCEROL        'GLYCERIN; PROPANE-1,2,3-TRIOL' 'C3 H8 O3'       92.094  
HOH non-polymer         . WATER           ?                               'H2 O'           18.015  
ILE 'L-peptide linking' y ISOLEUCINE      ?                               'C6 H13 N O2'    131.173 
LEU 'L-peptide linking' y LEUCINE         ?                               'C6 H13 N O2'    131.173 
LYS 'L-peptide linking' y LYSINE          ?                               'C6 H15 N2 O2 1' 147.195 
MET 'L-peptide linking' y METHIONINE      ?                               'C5 H11 N O2 S'  149.211 
PHE 'L-peptide linking' y PHENYLALANINE   ?                               'C9 H11 N O2'    165.189 
PRO 'L-peptide linking' y PROLINE         ?                               'C5 H9 N O2'     115.130 
SER 'L-peptide linking' y SERINE          ?                               'C3 H7 N O3'     105.093 
TYR 'L-peptide linking' y TYROSINE        ?                               'C9 H11 N O3'    181.189 
VAL 'L-peptide linking' y VALINE          ?                               'C5 H11 N O2'    117.146 
# 
loop_
_pdbx_poly_seq_scheme.asym_id 
_pdbx_poly_seq_scheme.entity_id 
_pdbx_poly_seq_scheme.seq_id 
_pdbx_poly_seq_scheme.mon_id 
_pdbx_poly_seq_scheme.ndb_seq_num 
_pdbx_poly_seq_scheme.pdb_seq_num 
_pdbx_poly_seq_scheme.auth_seq_num 
_pdbx_poly_seq_scheme.pdb_mon_id 
_pdbx_poly_seq_scheme.auth_mon_id 
_pdbx_poly_seq_scheme.pdb_strand_id 
_pdbx_poly_seq_scheme.pdb_ins_code 
_pdbx_poly_seq_scheme.hetero 
A 1 1  GLY 1  1  ?  ?   ?   A . n 
A 1 2  SER 2  2  ?  ?   ?   A . n 
A 1 3  SER 3  3  ?  ?   ?   A . n 
A 1 4  ASP 4  4  4  ASP ASP A . n 
A 1 5  ASP 5  5  5  ASP ASP A . n 
A 1 6  GLU 6  6  6  GLU GLU A . n 
A 1 7  ASP 7  7  7  ASP ASP A . n 
A 1 8  SER 8  8  8  SER SER A . n 
A 1 9  VAL 9  9  9  VAL VAL A . n 
A 1 10 ARG 10 10 10 ARG ARG A . n 
A 1 11 TYR 11 11 11 TYR TYR A . n 
A 1 12 LEU 12 12 12 LEU LEU A . n 
A 1 13 LEU 13 13 13 LEU LEU A . n 
A 1 14 TYR 14 14 14 TYR TYR A . n 
A 1 15 MET 15 15 15 MET MET A . n 
A 1 16 ALA 16 16 16 ALA ALA A . n 
A 1 17 GLU 17 17 17 GLU GLU A . n 
A 1 18 LEU 18 18 18 LEU LEU A . n 
A 1 19 ARG 19 19 19 ARG ARG A . n 
A 1 20 TYR 20 20 20 TYR TYR A . n 
A 1 21 GLU 21 21 21 GLU GLU A . n 
A 1 22 GLN 22 22 22 GLN GLN A . n 
A 1 23 GLY 23 23 23 GLY GLY A . n 
A 1 24 ASN 24 24 24 ASN ASN A . n 
A 1 25 PRO 25 25 25 PRO PRO A . n 
A 1 26 GLU 26 26 26 GLU GLU A . n 
A 1 27 LYS 27 27 27 LYS LYS A . n 
A 1 28 ALA 28 28 28 ALA ALA A . n 
A 1 29 LYS 29 29 29 LYS LYS A . n 
A 1 30 LYS 30 30 30 LYS LYS A . n 
A 1 31 ILE 31 31 31 ILE ILE A . n 
A 1 32 LEU 32 32 32 LEU LEU A . n 
A 1 33 GLU 33 33 33 GLU GLU A . n 
A 1 34 MET 34 34 34 MET MET A . n 
A 1 35 ALA 35 35 35 ALA ALA A . n 
A 1 36 GLU 36 36 36 GLU GLU A . n 
A 1 37 PHE 37 37 37 PHE PHE A . n 
A 1 38 ILE 38 38 38 ILE ILE A . n 
A 1 39 ALA 39 39 39 ALA ALA A . n 
A 1 40 LYS 40 40 40 LYS LYS A . n 
A 1 41 ARG 41 41 41 ARG ARG A . n 
A 1 42 ASN 42 42 42 ASN ASN A . n 
A 1 43 ASN 43 43 43 ASN ASN A . n 
A 1 44 ASN 44 44 44 ASN ASN A . n 
A 1 45 GLU 45 45 45 GLU GLU A . n 
A 1 46 GLU 46 46 46 GLU GLU A . n 
A 1 47 LEU 47 47 47 LEU LEU A . n 
A 1 48 GLU 48 48 48 GLU GLU A . n 
A 1 49 ARG 49 49 49 ARG ARG A . n 
A 1 50 LEU 50 50 50 LEU LEU A . n 
A 1 51 VAL 51 51 51 VAL VAL A . n 
A 1 52 ARG 52 52 52 ARG ARG A . n 
A 1 53 GLU 53 53 53 GLU GLU A . n 
A 1 54 VAL 54 54 54 VAL VAL A . n 
A 1 55 LYS 55 55 55 LYS LYS A . n 
A 1 56 LYS 56 56 56 LYS LYS A . n 
A 1 57 ARG 57 57 57 ARG ARG A . n 
A 1 58 LEU 58 58 58 LEU LEU A . n 
# 
loop_
_pdbx_nonpoly_scheme.asym_id 
_pdbx_nonpoly_scheme.entity_id 
_pdbx_nonpoly_scheme.mon_id 
_pdbx_nonpoly_scheme.ndb_seq_num 
_pdbx_nonpoly_scheme.pdb_seq_num 
_pdbx_nonpoly_scheme.auth_seq_num 
_pdbx_nonpoly_scheme.pdb_mon_id 
_pdbx_nonpoly_scheme.auth_mon_id 
_pdbx_nonpoly_scheme.pdb_strand_id 
_pdbx_nonpoly_scheme.pdb_ins_code 
B 2 GOL 1  101 101 GOL GOL A . 
C 2 GOL 1  102 102 GOL GOL A . 
D 2 GOL 1  103 103 GOL GOL A . 
E 2 GOL 1  104 104 GOL GOL A . 
F 3 HOH 1  201 5   HOH HOH A . 
F 3 HOH 2  202 17  HOH HOH A . 
F 3 HOH 3  203 2   HOH HOH A . 
F 3 HOH 4  204 7   HOH HOH A . 
F 3 HOH 5  205 8   HOH HOH A . 
F 3 HOH 6  206 6   HOH HOH A . 
F 3 HOH 7  207 4   HOH HOH A . 
F 3 HOH 8  208 3   HOH HOH A . 
F 3 HOH 9  209 16  HOH HOH A . 
F 3 HOH 10 210 1   HOH HOH A . 
F 3 HOH 11 211 9   HOH HOH A . 
F 3 HOH 12 212 15  HOH HOH A . 
F 3 HOH 13 213 10  HOH HOH A . 
F 3 HOH 14 214 11  HOH HOH A . 
F 3 HOH 15 215 14  HOH HOH A . 
F 3 HOH 16 216 13  HOH HOH A . 
F 3 HOH 17 217 18  HOH HOH A . 
F 3 HOH 18 218 12  HOH HOH A . 
# 
loop_
_software.citation_id 
_software.classification 
_software.compiler_name 
_software.compiler_version 
_software.contact_author 
_software.contact_author_email 
_software.date 
_software.description 
_software.dependencies 
_software.hardware 
_software.language 
_software.location 
_software.mods 
_software.name 
_software.os 
_software.os_version 
_software.type 
_software.version 
_software.pdbx_ordinal 
? refinement        ? ? ? ? ? ? ? ? ? ? ? PHENIX      ? ? ? 1.20.1_4487 1 
? 'data collection' ? ? ? ? ? ? ? ? ? ? ? CrysalisPro ? ? ? .           2 
? 'data processing' ? ? ? ? ? ? ? ? ? ? ? autoPROC    ? ? ? .           3 
? 'data reduction'  ? ? ? ? ? ? ? ? ? ? ? autoPROC    ? ? ? .           4 
? 'data scaling'    ? ? ? ? ? ? ? ? ? ? ? autoPROC    ? ? ? .           5 
? phasing           ? ? ? ? ? ? ? ? ? ? ? PHENIX      ? ? ? 1.20.1_4487 6 
# 
_cell.angle_alpha                  90.000 
_cell.angle_alpha_esd              ? 
_cell.angle_beta                   90.000 
_cell.angle_beta_esd               ? 
_cell.angle_gamma                  120.000 
_cell.angle_gamma_esd              ? 
_cell.entry_id                     8C3E 
_cell.details                      ? 
_cell.formula_units_Z              ? 
_cell.length_a                     57.817 
_cell.length_a_esd                 ? 
_cell.length_b                     57.817 
_cell.length_b_esd                 ? 
_cell.length_c                     41.540 
_cell.length_c_esd                 ? 
_cell.volume                       120257.530 
_cell.volume_esd                   ? 
_cell.Z_PDB                        6 
_cell.reciprocal_angle_alpha       ? 
_cell.reciprocal_angle_beta        ? 
_cell.reciprocal_angle_gamma       ? 
_cell.reciprocal_angle_alpha_esd   ? 
_cell.reciprocal_angle_beta_esd    ? 
_cell.reciprocal_angle_gamma_esd   ? 
_cell.reciprocal_length_a          ? 
_cell.reciprocal_length_b          ? 
_cell.reciprocal_length_c          ? 
_cell.reciprocal_length_a_esd      ? 
_cell.reciprocal_length_b_esd      ? 
_cell.reciprocal_length_c_esd      ? 
_cell.pdbx_unique_axis             ? 
_cell.pdbx_esd_method              ? 
# 
_symmetry.entry_id                         8C3E 
_symmetry.cell_setting                     ? 
_symmetry.Int_Tables_number                152 
_symmetry.space_group_name_Hall            
;P 31 2"
;
_symmetry.space_group_name_H-M             'P 31 2 1' 
_symmetry.pdbx_full_space_group_name_H-M   ? 
# 
_exptl.absorpt_coefficient_mu     ? 
_exptl.absorpt_correction_T_max   ? 
_exptl.absorpt_correction_T_min   ? 
_exptl.absorpt_correction_type    ? 
_exptl.absorpt_process_details    ? 
_exptl.entry_id                   8C3E 
_exptl.crystals_number            1 
_exptl.details                    ? 
_exptl.method                     'X-RAY DIFFRACTION' 
_exptl.method_details             ? 
# 
_exptl_crystal.colour                       ? 
_exptl_crystal.density_diffrn               ? 
_exptl_crystal.density_Matthews             3.07 
_exptl_crystal.density_method               ? 
_exptl_crystal.density_percent_sol          60 
_exptl_crystal.description                  ? 
_exptl_crystal.F_000                        ? 
_exptl_crystal.id                           1 
_exptl_crystal.preparation                  ? 
_exptl_crystal.size_max                     ? 
_exptl_crystal.size_mid                     ? 
_exptl_crystal.size_min                     ? 
_exptl_crystal.size_rad                     ? 
_exptl_crystal.colour_lustre                ? 
_exptl_crystal.colour_modifier              ? 
_exptl_crystal.colour_primary               ? 
_exptl_crystal.density_meas                 ? 
_exptl_crystal.density_meas_esd             ? 
_exptl_crystal.density_meas_gt              ? 
_exptl_crystal.density_meas_lt              ? 
_exptl_crystal.density_meas_temp            ? 
_exptl_crystal.density_meas_temp_esd        ? 
_exptl_crystal.density_meas_temp_gt         ? 
_exptl_crystal.density_meas_temp_lt         ? 
_exptl_crystal.pdbx_crystal_image_url       ? 
_exptl_crystal.pdbx_crystal_image_format    ? 
_exptl_crystal.pdbx_mosaicity               ? 
_exptl_crystal.pdbx_mosaicity_esd           ? 
_exptl_crystal.pdbx_mosaic_method           ? 
_exptl_crystal.pdbx_mosaic_block_size       ? 
_exptl_crystal.pdbx_mosaic_block_size_esd   ? 
# 
_exptl_crystal_grow.apparatus       ? 
_exptl_crystal_grow.atmosphere      ? 
_exptl_crystal_grow.crystal_id      1 
_exptl_crystal_grow.details         ? 
_exptl_crystal_grow.method          'VAPOR DIFFUSION, HANGING DROP' 
_exptl_crystal_grow.method_ref      ? 
_exptl_crystal_grow.pH              4.8 
_exptl_crystal_grow.pressure        ? 
_exptl_crystal_grow.pressure_esd    ? 
_exptl_crystal_grow.seeding         ? 
_exptl_crystal_grow.seeding_ref     ? 
_exptl_crystal_grow.temp_details    ? 
_exptl_crystal_grow.temp_esd        ? 
_exptl_crystal_grow.time            ? 
_exptl_crystal_grow.pdbx_details    '0.1M Sodium acetate ph4.8, 50mM Ammonium Sulfate, 5% PEG4000' 
_exptl_crystal_grow.pdbx_pH_range   ? 
_exptl_crystal_grow.temp            291 
# 
_diffrn.ambient_environment              ? 
_diffrn.ambient_temp                     100 
_diffrn.ambient_temp_details             ? 
_diffrn.ambient_temp_esd                 ? 
_diffrn.crystal_id                       1 
_diffrn.crystal_support                  ? 
_diffrn.crystal_treatment                ? 
_diffrn.details                          ? 
_diffrn.id                               1 
_diffrn.ambient_pressure                 ? 
_diffrn.ambient_pressure_esd             ? 
_diffrn.ambient_pressure_gt              ? 
_diffrn.ambient_pressure_lt              ? 
_diffrn.ambient_temp_gt                  ? 
_diffrn.ambient_temp_lt                  ? 
_diffrn.pdbx_serial_crystal_experiment   N 
# 
_diffrn_detector.details                      ? 
_diffrn_detector.detector                     PIXEL 
_diffrn_detector.diffrn_id                    1 
_diffrn_detector.type                         'RIGAKU HyPix-6000HE' 
_diffrn_detector.area_resol_mean              ? 
_diffrn_detector.dtime                        ? 
_diffrn_detector.pdbx_frames_total            ? 
_diffrn_detector.pdbx_collection_time_total   ? 
_diffrn_detector.pdbx_collection_date         2022-07-07 
_diffrn_detector.pdbx_frequency               ? 
_diffrn_detector.id                           ? 
_diffrn_detector.number_of_axes               ? 
# 
_diffrn_radiation.collimation                      ? 
_diffrn_radiation.diffrn_id                        1 
_diffrn_radiation.filter_edge                      ? 
_diffrn_radiation.inhomogeneity                    ? 
_diffrn_radiation.monochromator                    ? 
_diffrn_radiation.polarisn_norm                    ? 
_diffrn_radiation.polarisn_ratio                   ? 
_diffrn_radiation.probe                            ? 
_diffrn_radiation.type                             ? 
_diffrn_radiation.xray_symbol                      ? 
_diffrn_radiation.wavelength_id                    1 
_diffrn_radiation.pdbx_monochromatic_or_laue_m_l   M 
_diffrn_radiation.pdbx_wavelength_list             ? 
_diffrn_radiation.pdbx_wavelength                  ? 
_diffrn_radiation.pdbx_diffrn_protocol             'SINGLE WAVELENGTH' 
_diffrn_radiation.pdbx_analyzer                    ? 
_diffrn_radiation.pdbx_scattering_type             x-ray 
# 
_diffrn_radiation_wavelength.id           1 
_diffrn_radiation_wavelength.wavelength   1.54184 
_diffrn_radiation_wavelength.wt           1.0 
# 
_diffrn_source.current                     ? 
_diffrn_source.details                     ? 
_diffrn_source.diffrn_id                   1 
_diffrn_source.power                       ? 
_diffrn_source.size                        ? 
_diffrn_source.source                      'SEALED TUBE' 
_diffrn_source.target                      ? 
_diffrn_source.type                        'RIGAKU PhotonJet-S' 
_diffrn_source.voltage                     ? 
_diffrn_source.take-off_angle              ? 
_diffrn_source.pdbx_wavelength_list        1.54184 
_diffrn_source.pdbx_wavelength             ? 
_diffrn_source.pdbx_synchrotron_beamline   ? 
_diffrn_source.pdbx_synchrotron_site       ? 
# 
_reflns.B_iso_Wilson_estimate                          ? 
_reflns.entry_id                                       8C3E 
_reflns.data_reduction_details                         ? 
_reflns.data_reduction_method                          ? 
_reflns.d_resolution_high                              2.1 
_reflns.d_resolution_low                               50.07 
_reflns.details                                        ? 
_reflns.limit_h_max                                    ? 
_reflns.limit_h_min                                    ? 
_reflns.limit_k_max                                    ? 
_reflns.limit_k_min                                    ? 
_reflns.limit_l_max                                    ? 
_reflns.limit_l_min                                    ? 
_reflns.number_all                                     ? 
_reflns.number_obs                                     4881 
_reflns.observed_criterion                             ? 
_reflns.observed_criterion_F_max                       ? 
_reflns.observed_criterion_F_min                       ? 
_reflns.observed_criterion_I_max                       ? 
_reflns.observed_criterion_I_min                       ? 
_reflns.observed_criterion_sigma_F                     ? 
_reflns.observed_criterion_sigma_I                     ? 
_reflns.percent_possible_obs                           99.9 
_reflns.R_free_details                                 ? 
_reflns.Rmerge_F_all                                   ? 
_reflns.Rmerge_F_obs                                   ? 
_reflns.Friedel_coverage                               ? 
_reflns.number_gt                                      ? 
_reflns.threshold_expression                           ? 
_reflns.pdbx_redundancy                                10.2 
_reflns.pdbx_netI_over_av_sigmaI                       ? 
_reflns.pdbx_netI_over_sigmaI                          16 
_reflns.pdbx_res_netI_over_av_sigmaI_2                 ? 
_reflns.pdbx_res_netI_over_sigmaI_2                    ? 
_reflns.pdbx_chi_squared                               ? 
_reflns.pdbx_scaling_rejects                           ? 
_reflns.pdbx_d_res_high_opt                            ? 
_reflns.pdbx_d_res_low_opt                             ? 
_reflns.pdbx_d_res_opt_method                          ? 
_reflns.phase_calculation_details                      ? 
_reflns.pdbx_Rrim_I_all                                0.164 
_reflns.pdbx_Rpim_I_all                                0.051 
_reflns.pdbx_d_opt                                     ? 
_reflns.pdbx_number_measured_all                       ? 
_reflns.pdbx_diffrn_id                                 1 
_reflns.pdbx_ordinal                                   1 
_reflns.pdbx_CC_half                                   0.9967 
_reflns.pdbx_CC_star                                   ? 
_reflns.pdbx_R_split                                   ? 
_reflns.pdbx_Rmerge_I_obs                              0.156 
_reflns.pdbx_Rmerge_I_all                              ? 
_reflns.pdbx_Rsym_value                                ? 
_reflns.pdbx_CC_split_method                           ? 
_reflns.pdbx_aniso_diffraction_limit_axis_1_ortho[1]   ? 
_reflns.pdbx_aniso_diffraction_limit_axis_1_ortho[2]   ? 
_reflns.pdbx_aniso_diffraction_limit_axis_1_ortho[3]   ? 
_reflns.pdbx_aniso_diffraction_limit_axis_2_ortho[1]   ? 
_reflns.pdbx_aniso_diffraction_limit_axis_2_ortho[2]   ? 
_reflns.pdbx_aniso_diffraction_limit_axis_2_ortho[3]   ? 
_reflns.pdbx_aniso_diffraction_limit_axis_3_ortho[1]   ? 
_reflns.pdbx_aniso_diffraction_limit_axis_3_ortho[2]   ? 
_reflns.pdbx_aniso_diffraction_limit_axis_3_ortho[3]   ? 
_reflns.pdbx_aniso_diffraction_limit_1                 ? 
_reflns.pdbx_aniso_diffraction_limit_2                 ? 
_reflns.pdbx_aniso_diffraction_limit_3                 ? 
_reflns.pdbx_aniso_B_tensor_eigenvector_1_ortho[1]     ? 
_reflns.pdbx_aniso_B_tensor_eigenvector_1_ortho[2]     ? 
_reflns.pdbx_aniso_B_tensor_eigenvector_1_ortho[3]     ? 
_reflns.pdbx_aniso_B_tensor_eigenvector_2_ortho[1]     ? 
_reflns.pdbx_aniso_B_tensor_eigenvector_2_ortho[2]     ? 
_reflns.pdbx_aniso_B_tensor_eigenvector_2_ortho[3]     ? 
_reflns.pdbx_aniso_B_tensor_eigenvector_3_ortho[1]     ? 
_reflns.pdbx_aniso_B_tensor_eigenvector_3_ortho[2]     ? 
_reflns.pdbx_aniso_B_tensor_eigenvector_3_ortho[3]     ? 
_reflns.pdbx_aniso_B_tensor_eigenvalue_1               ? 
_reflns.pdbx_aniso_B_tensor_eigenvalue_2               ? 
_reflns.pdbx_aniso_B_tensor_eigenvalue_3               ? 
_reflns.pdbx_orthogonalization_convention              ? 
_reflns.pdbx_percent_possible_ellipsoidal              ? 
_reflns.pdbx_percent_possible_spherical                ? 
_reflns.pdbx_percent_possible_ellipsoidal_anomalous    ? 
_reflns.pdbx_percent_possible_spherical_anomalous      ? 
_reflns.pdbx_redundancy_anomalous                      ? 
_reflns.pdbx_CC_half_anomalous                         ? 
_reflns.pdbx_absDiff_over_sigma_anomalous              ? 
_reflns.pdbx_percent_possible_anomalous                ? 
_reflns.pdbx_observed_signal_threshold                 ? 
_reflns.pdbx_signal_type                               ? 
_reflns.pdbx_signal_details                            ? 
_reflns.pdbx_signal_software_id                        ? 
# 
_reflns_shell.d_res_high                                    2.105 
_reflns_shell.d_res_low                                     2.141 
_reflns_shell.meanI_over_sigI_all                           ? 
_reflns_shell.meanI_over_sigI_obs                           4 
_reflns_shell.number_measured_all                           ? 
_reflns_shell.number_measured_obs                           ? 
_reflns_shell.number_possible                               ? 
_reflns_shell.number_unique_all                             ? 
_reflns_shell.number_unique_obs                             234 
_reflns_shell.percent_possible_obs                          ? 
_reflns_shell.Rmerge_F_all                                  ? 
_reflns_shell.Rmerge_F_obs                                  ? 
_reflns_shell.meanI_over_sigI_gt                            ? 
_reflns_shell.meanI_over_uI_all                             ? 
_reflns_shell.meanI_over_uI_gt                              ? 
_reflns_shell.number_measured_gt                            ? 
_reflns_shell.number_unique_gt                              ? 
_reflns_shell.percent_possible_gt                           ? 
_reflns_shell.Rmerge_F_gt                                   ? 
_reflns_shell.Rmerge_I_gt                                   ? 
_reflns_shell.pdbx_redundancy                               10.7 
_reflns_shell.pdbx_chi_squared                              ? 
_reflns_shell.pdbx_netI_over_sigmaI_all                     ? 
_reflns_shell.pdbx_netI_over_sigmaI_obs                     ? 
_reflns_shell.pdbx_Rrim_I_all                               0.641 
_reflns_shell.pdbx_Rpim_I_all                               0.194 
_reflns_shell.pdbx_rejects                                  ? 
_reflns_shell.pdbx_ordinal                                  1 
_reflns_shell.pdbx_diffrn_id                                1 
_reflns_shell.pdbx_CC_half                                  0.859 
_reflns_shell.pdbx_CC_star                                  ? 
_reflns_shell.pdbx_R_split                                  ? 
_reflns_shell.percent_possible_all                          100 
_reflns_shell.Rmerge_I_all                                  ? 
_reflns_shell.Rmerge_I_obs                                  0.610 
_reflns_shell.pdbx_Rsym_value                               ? 
_reflns_shell.pdbx_percent_possible_ellipsoidal             ? 
_reflns_shell.pdbx_percent_possible_spherical               ? 
_reflns_shell.pdbx_percent_possible_ellipsoidal_anomalous   ? 
_reflns_shell.pdbx_percent_possible_spherical_anomalous     ? 
_reflns_shell.pdbx_redundancy_anomalous                     ? 
_reflns_shell.pdbx_CC_half_anomalous                        ? 
_reflns_shell.pdbx_absDiff_over_sigma_anomalous             ? 
_reflns_shell.pdbx_percent_possible_anomalous               ? 
# 
_refine.aniso_B[1][1]                            ? 
_refine.aniso_B[1][2]                            ? 
_refine.aniso_B[1][3]                            ? 
_refine.aniso_B[2][2]                            ? 
_refine.aniso_B[2][3]                            ? 
_refine.aniso_B[3][3]                            ? 
_refine.B_iso_max                                ? 
_refine.B_iso_mean                               13.98 
_refine.B_iso_min                                ? 
_refine.correlation_coeff_Fo_to_Fc               ? 
_refine.correlation_coeff_Fo_to_Fc_free          ? 
_refine.details                                  ? 
_refine.diff_density_max                         ? 
_refine.diff_density_max_esd                     ? 
_refine.diff_density_min                         ? 
_refine.diff_density_min_esd                     ? 
_refine.diff_density_rms                         ? 
_refine.diff_density_rms_esd                     ? 
_refine.entry_id                                 8C3E 
_refine.pdbx_refine_id                           'X-RAY DIFFRACTION' 
_refine.ls_abs_structure_details                 ? 
_refine.ls_abs_structure_Flack                   ? 
_refine.ls_abs_structure_Flack_esd               ? 
_refine.ls_abs_structure_Rogers                  ? 
_refine.ls_abs_structure_Rogers_esd              ? 
_refine.ls_d_res_high                            2.10 
_refine.ls_d_res_low                             50.07 
_refine.ls_extinction_coef                       ? 
_refine.ls_extinction_coef_esd                   ? 
_refine.ls_extinction_expression                 ? 
_refine.ls_extinction_method                     ? 
_refine.ls_goodness_of_fit_all                   ? 
_refine.ls_goodness_of_fit_all_esd               ? 
_refine.ls_goodness_of_fit_obs                   ? 
_refine.ls_goodness_of_fit_obs_esd               ? 
_refine.ls_hydrogen_treatment                    ? 
_refine.ls_matrix_type                           ? 
_refine.ls_number_constraints                    ? 
_refine.ls_number_parameters                     ? 
_refine.ls_number_reflns_all                     ? 
_refine.ls_number_reflns_obs                     4869 
_refine.ls_number_reflns_R_free                  521 
_refine.ls_number_reflns_R_work                  4348 
_refine.ls_number_restraints                     ? 
_refine.ls_percent_reflns_obs                    99.90 
_refine.ls_percent_reflns_R_free                 10.70 
_refine.ls_R_factor_all                          ? 
_refine.ls_R_factor_obs                          0.2204 
_refine.ls_R_factor_R_free                       0.2488 
_refine.ls_R_factor_R_free_error                 ? 
_refine.ls_R_factor_R_free_error_details         ? 
_refine.ls_R_factor_R_work                       0.2092 
_refine.ls_R_Fsqd_factor_obs                     ? 
_refine.ls_R_I_factor_obs                        ? 
_refine.ls_redundancy_reflns_all                 ? 
_refine.ls_redundancy_reflns_obs                 ? 
_refine.ls_restrained_S_all                      ? 
_refine.ls_restrained_S_obs                      ? 
_refine.ls_shift_over_esd_max                    ? 
_refine.ls_shift_over_esd_mean                   ? 
_refine.ls_structure_factor_coef                 ? 
_refine.ls_weighting_details                     ? 
_refine.ls_weighting_scheme                      ? 
_refine.ls_wR_factor_all                         ? 
_refine.ls_wR_factor_obs                         ? 
_refine.ls_wR_factor_R_free                      ? 
_refine.ls_wR_factor_R_work                      ? 
_refine.occupancy_max                            ? 
_refine.occupancy_min                            ? 
_refine.solvent_model_details                    'FLAT BULK SOLVENT MODEL' 
_refine.solvent_model_param_bsol                 ? 
_refine.solvent_model_param_ksol                 ? 
_refine.pdbx_R_complete                          ? 
_refine.ls_R_factor_gt                           ? 
_refine.ls_goodness_of_fit_gt                    ? 
_refine.ls_goodness_of_fit_ref                   ? 
_refine.ls_shift_over_su_max                     ? 
_refine.ls_shift_over_su_max_lt                  ? 
_refine.ls_shift_over_su_mean                    ? 
_refine.ls_shift_over_su_mean_lt                 ? 
_refine.pdbx_ls_sigma_I                          ? 
_refine.pdbx_ls_sigma_F                          17.79 
_refine.pdbx_ls_sigma_Fsqd                       ? 
_refine.pdbx_data_cutoff_high_absF               ? 
_refine.pdbx_data_cutoff_high_rms_absF           ? 
_refine.pdbx_data_cutoff_low_absF                ? 
_refine.pdbx_isotropic_thermal_model             ? 
_refine.pdbx_ls_cross_valid_method               'FREE R-VALUE' 
_refine.pdbx_method_to_determine_struct          'MOLECULAR REPLACEMENT' 
_refine.pdbx_starting_model                      ? 
_refine.pdbx_stereochemistry_target_values       'GeoStd + Monomer Library + CDL v1.2' 
_refine.pdbx_R_Free_selection_details            ? 
_refine.pdbx_stereochem_target_val_spec_case     ? 
_refine.pdbx_overall_ESU_R                       ? 
_refine.pdbx_overall_ESU_R_Free                  ? 
_refine.pdbx_solvent_vdw_probe_radii             1.1000 
_refine.pdbx_solvent_ion_probe_radii             ? 
_refine.pdbx_solvent_shrinkage_radii             0.9000 
_refine.pdbx_real_space_R                        ? 
_refine.pdbx_density_correlation                 ? 
_refine.pdbx_pd_number_of_powder_patterns        ? 
_refine.pdbx_pd_number_of_points                 ? 
_refine.pdbx_pd_meas_number_of_points            ? 
_refine.pdbx_pd_proc_ls_prof_R_factor            ? 
_refine.pdbx_pd_proc_ls_prof_wR_factor           ? 
_refine.pdbx_pd_Marquardt_correlation_coeff      ? 
_refine.pdbx_pd_Fsqrd_R_factor                   ? 
_refine.pdbx_pd_ls_matrix_band_width             ? 
_refine.pdbx_overall_phase_error                 24.6505 
_refine.pdbx_overall_SU_R_free_Cruickshank_DPI   ? 
_refine.pdbx_overall_SU_R_free_Blow_DPI          ? 
_refine.pdbx_overall_SU_R_Blow_DPI               ? 
_refine.pdbx_TLS_residual_ADP_flag               ? 
_refine.pdbx_diffrn_id                           1 
_refine.overall_SU_B                             ? 
_refine.overall_SU_ML                            ? 
_refine.overall_SU_R_Cruickshank_DPI             ? 
_refine.overall_SU_R_free                        ? 
_refine.overall_FOM_free_R_set                   ? 
_refine.overall_FOM_work_R_set                   ? 
_refine.pdbx_average_fsc_overall                 ? 
_refine.pdbx_average_fsc_work                    ? 
_refine.pdbx_average_fsc_free                    ? 
# 
_refine_hist.pdbx_refine_id                   'X-RAY DIFFRACTION' 
_refine_hist.cycle_id                         LAST 
_refine_hist.details                          ? 
_refine_hist.d_res_high                       2.10 
_refine_hist.d_res_low                        50.07 
_refine_hist.number_atoms_solvent             18 
_refine_hist.number_atoms_total               511 
_refine_hist.number_reflns_all                ? 
_refine_hist.number_reflns_obs                ? 
_refine_hist.number_reflns_R_free             ? 
_refine_hist.number_reflns_R_work             ? 
_refine_hist.R_factor_all                     ? 
_refine_hist.R_factor_obs                     ? 
_refine_hist.R_factor_R_free                  ? 
_refine_hist.R_factor_R_work                  ? 
_refine_hist.pdbx_number_residues_total       ? 
_refine_hist.pdbx_B_iso_mean_ligand           ? 
_refine_hist.pdbx_B_iso_mean_solvent          ? 
_refine_hist.pdbx_number_atoms_protein        469 
_refine_hist.pdbx_number_atoms_nucleic_acid   0 
_refine_hist.pdbx_number_atoms_ligand         24 
_refine_hist.pdbx_number_atoms_lipid          ? 
_refine_hist.pdbx_number_atoms_carb           ? 
_refine_hist.pdbx_pseudo_atom_details         ? 
# 
loop_
_refine_ls_restr.pdbx_refine_id 
_refine_ls_restr.criterion 
_refine_ls_restr.dev_ideal 
_refine_ls_restr.dev_ideal_target 
_refine_ls_restr.number 
_refine_ls_restr.rejects 
_refine_ls_restr.type 
_refine_ls_restr.weight 
_refine_ls_restr.pdbx_restraint_function 
'X-RAY DIFFRACTION' ? 0.0021 ? 493 ? f_bond_d           ? ? 
'X-RAY DIFFRACTION' ? 0.3643 ? 650 ? f_angle_d          ? ? 
'X-RAY DIFFRACTION' ? 0.0273 ? 66  ? f_chiral_restr     ? ? 
'X-RAY DIFFRACTION' ? 0.0027 ? 84  ? f_plane_restr      ? ? 
'X-RAY DIFFRACTION' ? 4.7548 ? 72  ? f_dihedral_angle_d ? ? 
# 
loop_
_refine_ls_shell.pdbx_refine_id 
_refine_ls_shell.d_res_high 
_refine_ls_shell.d_res_low 
_refine_ls_shell.number_reflns_all 
_refine_ls_shell.number_reflns_obs 
_refine_ls_shell.number_reflns_R_free 
_refine_ls_shell.number_reflns_R_work 
_refine_ls_shell.percent_reflns_obs 
_refine_ls_shell.percent_reflns_R_free 
_refine_ls_shell.R_factor_all 
_refine_ls_shell.R_factor_obs 
_refine_ls_shell.R_factor_R_free_error 
_refine_ls_shell.R_factor_R_work 
_refine_ls_shell.redundancy_reflns_all 
_refine_ls_shell.redundancy_reflns_obs 
_refine_ls_shell.wR_factor_all 
_refine_ls_shell.wR_factor_obs 
_refine_ls_shell.wR_factor_R_free 
_refine_ls_shell.wR_factor_R_work 
_refine_ls_shell.pdbx_R_complete 
_refine_ls_shell.pdbx_total_number_of_bins_used 
_refine_ls_shell.pdbx_phase_error 
_refine_ls_shell.pdbx_fsc_work 
_refine_ls_shell.pdbx_fsc_free 
_refine_ls_shell.R_factor_R_free 
'X-RAY DIFFRACTION' 2.10 2.32  . . 134 1067 88.62 . . . . 0.2102 . . . . . . . . . . . 0.2888 
'X-RAY DIFFRACTION' 2.32 2.65  . . 135 1050 88.61 . . . . 0.2114 . . . . . . . . . . . 0.2686 
'X-RAY DIFFRACTION' 2.65 3.34  . . 118 1093 90.26 . . . . 0.2169 . . . . . . . . . . . 0.2504 
'X-RAY DIFFRACTION' 3.34 50.07 . . 134 1138 89.32 . . . . 0.2203 . . . . . . . . . . . 0.2353 
# 
_struct.entry_id                     8C3E 
_struct.title                        'Engineered mini-protein LCB2 (blocking ligand of SARS-Cov-2 spike protein)' 
_struct.pdbx_model_details           ? 
_struct.pdbx_formula_weight          ? 
_struct.pdbx_formula_weight_method   ? 
_struct.pdbx_model_type_details      ? 
_struct.pdbx_CASP_flag               N 
# 
_struct_keywords.entry_id        8C3E 
_struct_keywords.text            'SARS-Cov-2, mini-protein, antiviral, blocking ligand, ANTIVIRAL PROTEIN' 
_struct_keywords.pdbx_keywords   'ANTIVIRAL PROTEIN' 
# 
loop_
_struct_asym.id 
_struct_asym.pdbx_blank_PDB_chainid_flag 
_struct_asym.pdbx_modified 
_struct_asym.entity_id 
_struct_asym.details 
A N N 1 ? 
B N N 2 ? 
C N N 2 ? 
D N N 2 ? 
E N N 2 ? 
F N N 3 ? 
# 
_struct_ref.id                         1 
_struct_ref.db_name                    PDB 
_struct_ref.db_code                    8C3E 
_struct_ref.pdbx_db_accession          8C3E 
_struct_ref.pdbx_db_isoform            ? 
_struct_ref.entity_id                  1 
_struct_ref.pdbx_seq_one_letter_code   ? 
_struct_ref.pdbx_align_begin           1 
# 
_struct_ref_seq.align_id                      1 
_struct_ref_seq.ref_id                        1 
_struct_ref_seq.pdbx_PDB_id_code              8C3E 
_struct_ref_seq.pdbx_strand_id                A 
_struct_ref_seq.seq_align_beg                 1 
_struct_ref_seq.pdbx_seq_align_beg_ins_code   ? 
_struct_ref_seq.seq_align_end                 58 
_struct_ref_seq.pdbx_seq_align_end_ins_code   ? 
_struct_ref_seq.pdbx_db_accession             8C3E 
_struct_ref_seq.db_align_beg                  1 
_struct_ref_seq.pdbx_db_align_beg_ins_code    ? 
_struct_ref_seq.db_align_end                  58 
_struct_ref_seq.pdbx_db_align_end_ins_code    ? 
_struct_ref_seq.pdbx_auth_seq_align_beg       1 
_struct_ref_seq.pdbx_auth_seq_align_end       58 
# 
_pdbx_struct_assembly.id                   1 
_pdbx_struct_assembly.details              author_and_software_defined_assembly 
_pdbx_struct_assembly.method_details       PISA 
_pdbx_struct_assembly.oligomeric_details   monomeric 
_pdbx_struct_assembly.oligomeric_count     1 
# 
loop_
_pdbx_struct_assembly_prop.biol_id 
_pdbx_struct_assembly_prop.type 
_pdbx_struct_assembly_prop.value 
_pdbx_struct_assembly_prop.details 
1 'ABSA (A^2)' 340  ? 
1 MORE         2    ? 
1 'SSA (A^2)'  4620 ? 
# 
_pdbx_struct_assembly_gen.assembly_id       1 
_pdbx_struct_assembly_gen.oper_expression   1 
_pdbx_struct_assembly_gen.asym_id_list      A,B,C,D,E,F 
# 
_pdbx_struct_assembly_auth_evidence.id                     1 
_pdbx_struct_assembly_auth_evidence.assembly_id            1 
_pdbx_struct_assembly_auth_evidence.experimental_support   'NMR relaxation study' 
_pdbx_struct_assembly_auth_evidence.details                ? 
# 
_pdbx_struct_oper_list.id                   1 
_pdbx_struct_oper_list.type                 'identity operation' 
_pdbx_struct_oper_list.name                 1_555 
_pdbx_struct_oper_list.symmetry_operation   x,y,z 
_pdbx_struct_oper_list.matrix[1][1]         1.0000000000 
_pdbx_struct_oper_list.matrix[1][2]         0.0000000000 
_pdbx_struct_oper_list.matrix[1][3]         0.0000000000 
_pdbx_struct_oper_list.vector[1]            0.0000000000 
_pdbx_struct_oper_list.matrix[2][1]         0.0000000000 
_pdbx_struct_oper_list.matrix[2][2]         1.0000000000 
_pdbx_struct_oper_list.matrix[2][3]         0.0000000000 
_pdbx_struct_oper_list.vector[2]            0.0000000000 
_pdbx_struct_oper_list.matrix[3][1]         0.0000000000 
_pdbx_struct_oper_list.matrix[3][2]         0.0000000000 
_pdbx_struct_oper_list.matrix[3][3]         1.0000000000 
_pdbx_struct_oper_list.vector[3]            0.0000000000 
# 
loop_
_struct_conf.conf_type_id 
_struct_conf.id 
_struct_conf.pdbx_PDB_helix_id 
_struct_conf.beg_label_comp_id 
_struct_conf.beg_label_asym_id 
_struct_conf.beg_label_seq_id 
_struct_conf.pdbx_beg_PDB_ins_code 
_struct_conf.end_label_comp_id 
_struct_conf.end_label_asym_id 
_struct_conf.end_label_seq_id 
_struct_conf.pdbx_end_PDB_ins_code 
_struct_conf.beg_auth_comp_id 
_struct_conf.beg_auth_asym_id 
_struct_conf.beg_auth_seq_id 
_struct_conf.end_auth_comp_id 
_struct_conf.end_auth_asym_id 
_struct_conf.end_auth_seq_id 
_struct_conf.pdbx_PDB_helix_class 
_struct_conf.details 
_struct_conf.pdbx_PDB_helix_length 
HELX_P HELX_P1 AA1 ASP A 5  ? GLN A 22 ? ASP A 5  GLN A 22 1 ? 18 
HELX_P HELX_P2 AA2 ASN A 24 ? ARG A 41 ? ASN A 24 ARG A 41 1 ? 18 
HELX_P HELX_P3 AA3 ASN A 44 ? LEU A 58 ? ASN A 44 LEU A 58 1 ? 15 
# 
_struct_conf_type.id          HELX_P 
_struct_conf_type.criteria    ? 
_struct_conf_type.reference   ? 
# 
_pdbx_entry_details.entry_id                   8C3E 
_pdbx_entry_details.nonpolymer_details         ? 
_pdbx_entry_details.sequence_details           ? 
_pdbx_entry_details.compound_details           ? 
_pdbx_entry_details.source_details             ? 
_pdbx_entry_details.has_ligand_of_interest     N 
_pdbx_entry_details.has_protein_modification   N 
# 
_pdbx_validate_torsion.id              1 
_pdbx_validate_torsion.PDB_model_num   1 
_pdbx_validate_torsion.auth_comp_id    ASP 
_pdbx_validate_torsion.auth_asym_id    A 
_pdbx_validate_torsion.auth_seq_id     5 
_pdbx_validate_torsion.PDB_ins_code    ? 
_pdbx_validate_torsion.label_alt_id    ? 
_pdbx_validate_torsion.phi             69.66 
_pdbx_validate_torsion.psi             -6.20 
# 
_pdbx_struct_special_symmetry.id              1 
_pdbx_struct_special_symmetry.PDB_model_num   1 
_pdbx_struct_special_symmetry.auth_asym_id    A 
_pdbx_struct_special_symmetry.auth_comp_id    HOH 
_pdbx_struct_special_symmetry.auth_seq_id     212 
_pdbx_struct_special_symmetry.PDB_ins_code    ? 
_pdbx_struct_special_symmetry.label_asym_id   F 
_pdbx_struct_special_symmetry.label_comp_id   HOH 
_pdbx_struct_special_symmetry.label_seq_id    . 
# 
loop_
_space_group_symop.id 
_space_group_symop.operation_xyz 
1 x,y,z          
2 -y,x-y,z+1/3   
3 -x+y,-x,z+2/3  
4 x-y,-y,-z+2/3  
5 -x,-x+y,-z+1/3 
6 y,x,-z         
# 
loop_
_pdbx_unobs_or_zero_occ_residues.id 
_pdbx_unobs_or_zero_occ_residues.PDB_model_num 
_pdbx_unobs_or_zero_occ_residues.polymer_flag 
_pdbx_unobs_or_zero_occ_residues.occupancy_flag 
_pdbx_unobs_or_zero_occ_residues.auth_asym_id 
_pdbx_unobs_or_zero_occ_residues.auth_comp_id 
_pdbx_unobs_or_zero_occ_residues.auth_seq_id 
_pdbx_unobs_or_zero_occ_residues.PDB_ins_code 
_pdbx_unobs_or_zero_occ_residues.label_asym_id 
_pdbx_unobs_or_zero_occ_residues.label_comp_id 
_pdbx_unobs_or_zero_occ_residues.label_seq_id 
1 1 Y 1 A GLY 1 ? A GLY 1 
2 1 Y 1 A SER 2 ? A SER 2 
3 1 Y 1 A SER 3 ? A SER 3 
# 
loop_
_chem_comp_atom.comp_id 
_chem_comp_atom.atom_id 
_chem_comp_atom.type_symbol 
_chem_comp_atom.pdbx_aromatic_flag 
_chem_comp_atom.pdbx_stereo_config 
_chem_comp_atom.pdbx_ordinal 
ALA N    N N N 1   
ALA CA   C N S 2   
ALA C    C N N 3   
ALA O    O N N 4   
ALA CB   C N N 5   
ALA OXT  O N N 6   
ALA H    H N N 7   
ALA H2   H N N 8   
ALA HA   H N N 9   
ALA HB1  H N N 10  
ALA HB2  H N N 11  
ALA HB3  H N N 12  
ALA HXT  H N N 13  
ARG N    N N N 14  
ARG CA   C N S 15  
ARG C    C N N 16  
ARG O    O N N 17  
ARG CB   C N N 18  
ARG CG   C N N 19  
ARG CD   C N N 20  
ARG NE   N N N 21  
ARG CZ   C N N 22  
ARG NH1  N N N 23  
ARG NH2  N N N 24  
ARG OXT  O N N 25  
ARG H    H N N 26  
ARG H2   H N N 27  
ARG HA   H N N 28  
ARG HB2  H N N 29  
ARG HB3  H N N 30  
ARG HG2  H N N 31  
ARG HG3  H N N 32  
ARG HD2  H N N 33  
ARG HD3  H N N 34  
ARG HE   H N N 35  
ARG HH11 H N N 36  
ARG HH12 H N N 37  
ARG HH21 H N N 38  
ARG HH22 H N N 39  
ARG HXT  H N N 40  
ASN N    N N N 41  
ASN CA   C N S 42  
ASN C    C N N 43  
ASN O    O N N 44  
ASN CB   C N N 45  
ASN CG   C N N 46  
ASN OD1  O N N 47  
ASN ND2  N N N 48  
ASN OXT  O N N 49  
ASN H    H N N 50  
ASN H2   H N N 51  
ASN HA   H N N 52  
ASN HB2  H N N 53  
ASN HB3  H N N 54  
ASN HD21 H N N 55  
ASN HD22 H N N 56  
ASN HXT  H N N 57  
ASP N    N N N 58  
ASP CA   C N S 59  
ASP C    C N N 60  
ASP O    O N N 61  
ASP CB   C N N 62  
ASP CG   C N N 63  
ASP OD1  O N N 64  
ASP OD2  O N N 65  
ASP OXT  O N N 66  
ASP H    H N N 67  
ASP H2   H N N 68  
ASP HA   H N N 69  
ASP HB2  H N N 70  
ASP HB3  H N N 71  
ASP HD2  H N N 72  
ASP HXT  H N N 73  
GLN N    N N N 74  
GLN CA   C N S 75  
GLN C    C N N 76  
GLN O    O N N 77  
GLN CB   C N N 78  
GLN CG   C N N 79  
GLN CD   C N N 80  
GLN OE1  O N N 81  
GLN NE2  N N N 82  
GLN OXT  O N N 83  
GLN H    H N N 84  
GLN H2   H N N 85  
GLN HA   H N N 86  
GLN HB2  H N N 87  
GLN HB3  H N N 88  
GLN HG2  H N N 89  
GLN HG3  H N N 90  
GLN HE21 H N N 91  
GLN HE22 H N N 92  
GLN HXT  H N N 93  
GLU N    N N N 94  
GLU CA   C N S 95  
GLU C    C N N 96  
GLU O    O N N 97  
GLU CB   C N N 98  
GLU CG   C N N 99  
GLU CD   C N N 100 
GLU OE1  O N N 101 
GLU OE2  O N N 102 
GLU OXT  O N N 103 
GLU H    H N N 104 
GLU H2   H N N 105 
GLU HA   H N N 106 
GLU HB2  H N N 107 
GLU HB3  H N N 108 
GLU HG2  H N N 109 
GLU HG3  H N N 110 
GLU HE2  H N N 111 
GLU HXT  H N N 112 
GLY N    N N N 113 
GLY CA   C N N 114 
GLY C    C N N 115 
GLY O    O N N 116 
GLY OXT  O N N 117 
GLY H    H N N 118 
GLY H2   H N N 119 
GLY HA2  H N N 120 
GLY HA3  H N N 121 
GLY HXT  H N N 122 
GOL C1   C N N 123 
GOL O1   O N N 124 
GOL C2   C N N 125 
GOL O2   O N N 126 
GOL C3   C N N 127 
GOL O3   O N N 128 
GOL H11  H N N 129 
GOL H12  H N N 130 
GOL HO1  H N N 131 
GOL H2   H N N 132 
GOL HO2  H N N 133 
GOL H31  H N N 134 
GOL H32  H N N 135 
GOL HO3  H N N 136 
HOH O    O N N 137 
HOH H1   H N N 138 
HOH H2   H N N 139 
ILE N    N N N 140 
ILE CA   C N S 141 
ILE C    C N N 142 
ILE O    O N N 143 
ILE CB   C N S 144 
ILE CG1  C N N 145 
ILE CG2  C N N 146 
ILE CD1  C N N 147 
ILE OXT  O N N 148 
ILE H    H N N 149 
ILE H2   H N N 150 
ILE HA   H N N 151 
ILE HB   H N N 152 
ILE HG12 H N N 153 
ILE HG13 H N N 154 
ILE HG21 H N N 155 
ILE HG22 H N N 156 
ILE HG23 H N N 157 
ILE HD11 H N N 158 
ILE HD12 H N N 159 
ILE HD13 H N N 160 
ILE HXT  H N N 161 
LEU N    N N N 162 
LEU CA   C N S 163 
LEU C    C N N 164 
LEU O    O N N 165 
LEU CB   C N N 166 
LEU CG   C N N 167 
LEU CD1  C N N 168 
LEU CD2  C N N 169 
LEU OXT  O N N 170 
LEU H    H N N 171 
LEU H2   H N N 172 
LEU HA   H N N 173 
LEU HB2  H N N 174 
LEU HB3  H N N 175 
LEU HG   H N N 176 
LEU HD11 H N N 177 
LEU HD12 H N N 178 
LEU HD13 H N N 179 
LEU HD21 H N N 180 
LEU HD22 H N N 181 
LEU HD23 H N N 182 
LEU HXT  H N N 183 
LYS N    N N N 184 
LYS CA   C N S 185 
LYS C    C N N 186 
LYS O    O N N 187 
LYS CB   C N N 188 
LYS CG   C N N 189 
LYS CD   C N N 190 
LYS CE   C N N 191 
LYS NZ   N N N 192 
LYS OXT  O N N 193 
LYS H    H N N 194 
LYS H2   H N N 195 
LYS HA   H N N 196 
LYS HB2  H N N 197 
LYS HB3  H N N 198 
LYS HG2  H N N 199 
LYS HG3  H N N 200 
LYS HD2  H N N 201 
LYS HD3  H N N 202 
LYS HE2  H N N 203 
LYS HE3  H N N 204 
LYS HZ1  H N N 205 
LYS HZ2  H N N 206 
LYS HZ3  H N N 207 
LYS HXT  H N N 208 
MET N    N N N 209 
MET CA   C N S 210 
MET C    C N N 211 
MET O    O N N 212 
MET CB   C N N 213 
MET CG   C N N 214 
MET SD   S N N 215 
MET CE   C N N 216 
MET OXT  O N N 217 
MET H    H N N 218 
MET H2   H N N 219 
MET HA   H N N 220 
MET HB2  H N N 221 
MET HB3  H N N 222 
MET HG2  H N N 223 
MET HG3  H N N 224 
MET HE1  H N N 225 
MET HE2  H N N 226 
MET HE3  H N N 227 
MET HXT  H N N 228 
PHE N    N N N 229 
PHE CA   C N S 230 
PHE C    C N N 231 
PHE O    O N N 232 
PHE CB   C N N 233 
PHE CG   C Y N 234 
PHE CD1  C Y N 235 
PHE CD2  C Y N 236 
PHE CE1  C Y N 237 
PHE CE2  C Y N 238 
PHE CZ   C Y N 239 
PHE OXT  O N N 240 
PHE H    H N N 241 
PHE H2   H N N 242 
PHE HA   H N N 243 
PHE HB2  H N N 244 
PHE HB3  H N N 245 
PHE HD1  H N N 246 
PHE HD2  H N N 247 
PHE HE1  H N N 248 
PHE HE2  H N N 249 
PHE HZ   H N N 250 
PHE HXT  H N N 251 
PRO N    N N N 252 
PRO CA   C N S 253 
PRO C    C N N 254 
PRO O    O N N 255 
PRO CB   C N N 256 
PRO CG   C N N 257 
PRO CD   C N N 258 
PRO OXT  O N N 259 
PRO H    H N N 260 
PRO HA   H N N 261 
PRO HB2  H N N 262 
PRO HB3  H N N 263 
PRO HG2  H N N 264 
PRO HG3  H N N 265 
PRO HD2  H N N 266 
PRO HD3  H N N 267 
PRO HXT  H N N 268 
SER N    N N N 269 
SER CA   C N S 270 
SER C    C N N 271 
SER O    O N N 272 
SER CB   C N N 273 
SER OG   O N N 274 
SER OXT  O N N 275 
SER H    H N N 276 
SER H2   H N N 277 
SER HA   H N N 278 
SER HB2  H N N 279 
SER HB3  H N N 280 
SER HG   H N N 281 
SER HXT  H N N 282 
TYR N    N N N 283 
TYR CA   C N S 284 
TYR C    C N N 285 
TYR O    O N N 286 
TYR CB   C N N 287 
TYR CG   C Y N 288 
TYR CD1  C Y N 289 
TYR CD2  C Y N 290 
TYR CE1  C Y N 291 
TYR CE2  C Y N 292 
TYR CZ   C Y N 293 
TYR OH   O N N 294 
TYR OXT  O N N 295 
TYR H    H N N 296 
TYR H2   H N N 297 
TYR HA   H N N 298 
TYR HB2  H N N 299 
TYR HB3  H N N 300 
TYR HD1  H N N 301 
TYR HD2  H N N 302 
TYR HE1  H N N 303 
TYR HE2  H N N 304 
TYR HH   H N N 305 
TYR HXT  H N N 306 
VAL N    N N N 307 
VAL CA   C N S 308 
VAL C    C N N 309 
VAL O    O N N 310 
VAL CB   C N N 311 
VAL CG1  C N N 312 
VAL CG2  C N N 313 
VAL OXT  O N N 314 
VAL H    H N N 315 
VAL H2   H N N 316 
VAL HA   H N N 317 
VAL HB   H N N 318 
VAL HG11 H N N 319 
VAL HG12 H N N 320 
VAL HG13 H N N 321 
VAL HG21 H N N 322 
VAL HG22 H N N 323 
VAL HG23 H N N 324 
VAL HXT  H N N 325 
# 
loop_
_chem_comp_bond.comp_id 
_chem_comp_bond.atom_id_1 
_chem_comp_bond.atom_id_2 
_chem_comp_bond.value_order 
_chem_comp_bond.pdbx_aromatic_flag 
_chem_comp_bond.pdbx_stereo_config 
_chem_comp_bond.pdbx_ordinal 
ALA N   CA   sing N N 1   
ALA N   H    sing N N 2   
ALA N   H2   sing N N 3   
ALA CA  C    sing N N 4   
ALA CA  CB   sing N N 5   
ALA CA  HA   sing N N 6   
ALA C   O    doub N N 7   
ALA C   OXT  sing N N 8   
ALA CB  HB1  sing N N 9   
ALA CB  HB2  sing N N 10  
ALA CB  HB3  sing N N 11  
ALA OXT HXT  sing N N 12  
ARG N   CA   sing N N 13  
ARG N   H    sing N N 14  
ARG N   H2   sing N N 15  
ARG CA  C    sing N N 16  
ARG CA  CB   sing N N 17  
ARG CA  HA   sing N N 18  
ARG C   O    doub N N 19  
ARG C   OXT  sing N N 20  
ARG CB  CG   sing N N 21  
ARG CB  HB2  sing N N 22  
ARG CB  HB3  sing N N 23  
ARG CG  CD   sing N N 24  
ARG CG  HG2  sing N N 25  
ARG CG  HG3  sing N N 26  
ARG CD  NE   sing N N 27  
ARG CD  HD2  sing N N 28  
ARG CD  HD3  sing N N 29  
ARG NE  CZ   sing N N 30  
ARG NE  HE   sing N N 31  
ARG CZ  NH1  sing N N 32  
ARG CZ  NH2  doub N N 33  
ARG NH1 HH11 sing N N 34  
ARG NH1 HH12 sing N N 35  
ARG NH2 HH21 sing N N 36  
ARG NH2 HH22 sing N N 37  
ARG OXT HXT  sing N N 38  
ASN N   CA   sing N N 39  
ASN N   H    sing N N 40  
ASN N   H2   sing N N 41  
ASN CA  C    sing N N 42  
ASN CA  CB   sing N N 43  
ASN CA  HA   sing N N 44  
ASN C   O    doub N N 45  
ASN C   OXT  sing N N 46  
ASN CB  CG   sing N N 47  
ASN CB  HB2  sing N N 48  
ASN CB  HB3  sing N N 49  
ASN CG  OD1  doub N N 50  
ASN CG  ND2  sing N N 51  
ASN ND2 HD21 sing N N 52  
ASN ND2 HD22 sing N N 53  
ASN OXT HXT  sing N N 54  
ASP N   CA   sing N N 55  
ASP N   H    sing N N 56  
ASP N   H2   sing N N 57  
ASP CA  C    sing N N 58  
ASP CA  CB   sing N N 59  
ASP CA  HA   sing N N 60  
ASP C   O    doub N N 61  
ASP C   OXT  sing N N 62  
ASP CB  CG   sing N N 63  
ASP CB  HB2  sing N N 64  
ASP CB  HB3  sing N N 65  
ASP CG  OD1  doub N N 66  
ASP CG  OD2  sing N N 67  
ASP OD2 HD2  sing N N 68  
ASP OXT HXT  sing N N 69  
GLN N   CA   sing N N 70  
GLN N   H    sing N N 71  
GLN N   H2   sing N N 72  
GLN CA  C    sing N N 73  
GLN CA  CB   sing N N 74  
GLN CA  HA   sing N N 75  
GLN C   O    doub N N 76  
GLN C   OXT  sing N N 77  
GLN CB  CG   sing N N 78  
GLN CB  HB2  sing N N 79  
GLN CB  HB3  sing N N 80  
GLN CG  CD   sing N N 81  
GLN CG  HG2  sing N N 82  
GLN CG  HG3  sing N N 83  
GLN CD  OE1  doub N N 84  
GLN CD  NE2  sing N N 85  
GLN NE2 HE21 sing N N 86  
GLN NE2 HE22 sing N N 87  
GLN OXT HXT  sing N N 88  
GLU N   CA   sing N N 89  
GLU N   H    sing N N 90  
GLU N   H2   sing N N 91  
GLU CA  C    sing N N 92  
GLU CA  CB   sing N N 93  
GLU CA  HA   sing N N 94  
GLU C   O    doub N N 95  
GLU C   OXT  sing N N 96  
GLU CB  CG   sing N N 97  
GLU CB  HB2  sing N N 98  
GLU CB  HB3  sing N N 99  
GLU CG  CD   sing N N 100 
GLU CG  HG2  sing N N 101 
GLU CG  HG3  sing N N 102 
GLU CD  OE1  doub N N 103 
GLU CD  OE2  sing N N 104 
GLU OE2 HE2  sing N N 105 
GLU OXT HXT  sing N N 106 
GLY N   CA   sing N N 107 
GLY N   H    sing N N 108 
GLY N   H2   sing N N 109 
GLY CA  C    sing N N 110 
GLY CA  HA2  sing N N 111 
GLY CA  HA3  sing N N 112 
GLY C   O    doub N N 113 
GLY C   OXT  sing N N 114 
GLY OXT HXT  sing N N 115 
GOL C1  O1   sing N N 116 
GOL C1  C2   sing N N 117 
GOL C1  H11  sing N N 118 
GOL C1  H12  sing N N 119 
GOL O1  HO1  sing N N 120 
GOL C2  O2   sing N N 121 
GOL C2  C3   sing N N 122 
GOL C2  H2   sing N N 123 
GOL O2  HO2  sing N N 124 
GOL C3  O3   sing N N 125 
GOL C3  H31  sing N N 126 
GOL C3  H32  sing N N 127 
GOL O3  HO3  sing N N 128 
HOH O   H1   sing N N 129 
HOH O   H2   sing N N 130 
ILE N   CA   sing N N 131 
ILE N   H    sing N N 132 
ILE N   H2   sing N N 133 
ILE CA  C    sing N N 134 
ILE CA  CB   sing N N 135 
ILE CA  HA   sing N N 136 
ILE C   O    doub N N 137 
ILE C   OXT  sing N N 138 
ILE CB  CG1  sing N N 139 
ILE CB  CG2  sing N N 140 
ILE CB  HB   sing N N 141 
ILE CG1 CD1  sing N N 142 
ILE CG1 HG12 sing N N 143 
ILE CG1 HG13 sing N N 144 
ILE CG2 HG21 sing N N 145 
ILE CG2 HG22 sing N N 146 
ILE CG2 HG23 sing N N 147 
ILE CD1 HD11 sing N N 148 
ILE CD1 HD12 sing N N 149 
ILE CD1 HD13 sing N N 150 
ILE OXT HXT  sing N N 151 
LEU N   CA   sing N N 152 
LEU N   H    sing N N 153 
LEU N   H2   sing N N 154 
LEU CA  C    sing N N 155 
LEU CA  CB   sing N N 156 
LEU CA  HA   sing N N 157 
LEU C   O    doub N N 158 
LEU C   OXT  sing N N 159 
LEU CB  CG   sing N N 160 
LEU CB  HB2  sing N N 161 
LEU CB  HB3  sing N N 162 
LEU CG  CD1  sing N N 163 
LEU CG  CD2  sing N N 164 
LEU CG  HG   sing N N 165 
LEU CD1 HD11 sing N N 166 
LEU CD1 HD12 sing N N 167 
LEU CD1 HD13 sing N N 168 
LEU CD2 HD21 sing N N 169 
LEU CD2 HD22 sing N N 170 
LEU CD2 HD23 sing N N 171 
LEU OXT HXT  sing N N 172 
LYS N   CA   sing N N 173 
LYS N   H    sing N N 174 
LYS N   H2   sing N N 175 
LYS CA  C    sing N N 176 
LYS CA  CB   sing N N 177 
LYS CA  HA   sing N N 178 
LYS C   O    doub N N 179 
LYS C   OXT  sing N N 180 
LYS CB  CG   sing N N 181 
LYS CB  HB2  sing N N 182 
LYS CB  HB3  sing N N 183 
LYS CG  CD   sing N N 184 
LYS CG  HG2  sing N N 185 
LYS CG  HG3  sing N N 186 
LYS CD  CE   sing N N 187 
LYS CD  HD2  sing N N 188 
LYS CD  HD3  sing N N 189 
LYS CE  NZ   sing N N 190 
LYS CE  HE2  sing N N 191 
LYS CE  HE3  sing N N 192 
LYS NZ  HZ1  sing N N 193 
LYS NZ  HZ2  sing N N 194 
LYS NZ  HZ3  sing N N 195 
LYS OXT HXT  sing N N 196 
MET N   CA   sing N N 197 
MET N   H    sing N N 198 
MET N   H2   sing N N 199 
MET CA  C    sing N N 200 
MET CA  CB   sing N N 201 
MET CA  HA   sing N N 202 
MET C   O    doub N N 203 
MET C   OXT  sing N N 204 
MET CB  CG   sing N N 205 
MET CB  HB2  sing N N 206 
MET CB  HB3  sing N N 207 
MET CG  SD   sing N N 208 
MET CG  HG2  sing N N 209 
MET CG  HG3  sing N N 210 
MET SD  CE   sing N N 211 
MET CE  HE1  sing N N 212 
MET CE  HE2  sing N N 213 
MET CE  HE3  sing N N 214 
MET OXT HXT  sing N N 215 
PHE N   CA   sing N N 216 
PHE N   H    sing N N 217 
PHE N   H2   sing N N 218 
PHE CA  C    sing N N 219 
PHE CA  CB   sing N N 220 
PHE CA  HA   sing N N 221 
PHE C   O    doub N N 222 
PHE C   OXT  sing N N 223 
PHE CB  CG   sing N N 224 
PHE CB  HB2  sing N N 225 
PHE CB  HB3  sing N N 226 
PHE CG  CD1  doub Y N 227 
PHE CG  CD2  sing Y N 228 
PHE CD1 CE1  sing Y N 229 
PHE CD1 HD1  sing N N 230 
PHE CD2 CE2  doub Y N 231 
PHE CD2 HD2  sing N N 232 
PHE CE1 CZ   doub Y N 233 
PHE CE1 HE1  sing N N 234 
PHE CE2 CZ   sing Y N 235 
PHE CE2 HE2  sing N N 236 
PHE CZ  HZ   sing N N 237 
PHE OXT HXT  sing N N 238 
PRO N   CA   sing N N 239 
PRO N   CD   sing N N 240 
PRO N   H    sing N N 241 
PRO CA  C    sing N N 242 
PRO CA  CB   sing N N 243 
PRO CA  HA   sing N N 244 
PRO C   O    doub N N 245 
PRO C   OXT  sing N N 246 
PRO CB  CG   sing N N 247 
PRO CB  HB2  sing N N 248 
PRO CB  HB3  sing N N 249 
PRO CG  CD   sing N N 250 
PRO CG  HG2  sing N N 251 
PRO CG  HG3  sing N N 252 
PRO CD  HD2  sing N N 253 
PRO CD  HD3  sing N N 254 
PRO OXT HXT  sing N N 255 
SER N   CA   sing N N 256 
SER N   H    sing N N 257 
SER N   H2   sing N N 258 
SER CA  C    sing N N 259 
SER CA  CB   sing N N 260 
SER CA  HA   sing N N 261 
SER C   O    doub N N 262 
SER C   OXT  sing N N 263 
SER CB  OG   sing N N 264 
SER CB  HB2  sing N N 265 
SER CB  HB3  sing N N 266 
SER OG  HG   sing N N 267 
SER OXT HXT  sing N N 268 
TYR N   CA   sing N N 269 
TYR N   H    sing N N 270 
TYR N   H2   sing N N 271 
TYR CA  C    sing N N 272 
TYR CA  CB   sing N N 273 
TYR CA  HA   sing N N 274 
TYR C   O    doub N N 275 
TYR C   OXT  sing N N 276 
TYR CB  CG   sing N N 277 
TYR CB  HB2  sing N N 278 
TYR CB  HB3  sing N N 279 
TYR CG  CD1  doub Y N 280 
TYR CG  CD2  sing Y N 281 
TYR CD1 CE1  sing Y N 282 
TYR CD1 HD1  sing N N 283 
TYR CD2 CE2  doub Y N 284 
TYR CD2 HD2  sing N N 285 
TYR CE1 CZ   doub Y N 286 
TYR CE1 HE1  sing N N 287 
TYR CE2 CZ   sing Y N 288 
TYR CE2 HE2  sing N N 289 
TYR CZ  OH   sing N N 290 
TYR OH  HH   sing N N 291 
TYR OXT HXT  sing N N 292 
VAL N   CA   sing N N 293 
VAL N   H    sing N N 294 
VAL N   H2   sing N N 295 
VAL CA  C    sing N N 296 
VAL CA  CB   sing N N 297 
VAL CA  HA   sing N N 298 
VAL C   O    doub N N 299 
VAL C   OXT  sing N N 300 
VAL CB  CG1  sing N N 301 
VAL CB  CG2  sing N N 302 
VAL CB  HB   sing N N 303 
VAL CG1 HG11 sing N N 304 
VAL CG1 HG12 sing N N 305 
VAL CG1 HG13 sing N N 306 
VAL CG2 HG21 sing N N 307 
VAL CG2 HG22 sing N N 308 
VAL CG2 HG23 sing N N 309 
VAL OXT HXT  sing N N 310 
# 
_pdbx_audit_support.funding_organization   'St. Petersburg State University' 
_pdbx_audit_support.country                'Russian Federation' 
_pdbx_audit_support.grant_number           94031251 
_pdbx_audit_support.ordinal                1 
# 
_pdbx_initial_refinement_model.id               1 
_pdbx_initial_refinement_model.entity_id_list   ? 
_pdbx_initial_refinement_model.type             'in silico model' 
_pdbx_initial_refinement_model.source_name      AlphaFold 
_pdbx_initial_refinement_model.accession_code   ? 
_pdbx_initial_refinement_model.details          'AlphaFold 3, software version: AlphaFold-beta-20231127' 
# 
_pdbx_related_exp_data_set.data_reference       10.5281/zenodo.14555180 
_pdbx_related_exp_data_set.data_set_type        'diffraction image data' 
_pdbx_related_exp_data_set.details              ? 
_pdbx_related_exp_data_set.metadata_reference   ? 
_pdbx_related_exp_data_set.ordinal              1 
# 
_space_group.name_H-M_alt     'P 31 2 1' 
_space_group.name_Hall        
;P 31 2"
;
_space_group.IT_number        152 
_space_group.crystal_system   trigonal 
_space_group.id               1 
# 
_atom_sites.entry_id                    8C3E 
_atom_sites.Cartn_transf_matrix[1][1]   ? 
_atom_sites.Cartn_transf_matrix[1][2]   ? 
_atom_sites.Cartn_transf_matrix[1][3]   ? 
_atom_sites.Cartn_transf_matrix[2][1]   ? 
_atom_sites.Cartn_transf_matrix[2][2]   ? 
_atom_sites.Cartn_transf_matrix[2][3]   ? 
_atom_sites.Cartn_transf_matrix[3][1]   ? 
_atom_sites.Cartn_transf_matrix[3][2]   ? 
_atom_sites.Cartn_transf_matrix[3][3]   ? 
_atom_sites.Cartn_transf_vector[1]      ? 
_atom_sites.Cartn_transf_vector[2]      ? 
_atom_sites.Cartn_transf_vector[3]      ? 
_atom_sites.Cartn_transform_axes        ? 
_atom_sites.fract_transf_matrix[1][1]   0.01684661 
_atom_sites.fract_transf_matrix[1][2]   -0.00835525 
_atom_sites.fract_transf_matrix[1][3]   -0.00672707 
_atom_sites.fract_transf_matrix[2][1]   0.01027406 
_atom_sites.fract_transf_matrix[2][2]   -0.01254346 
_atom_sites.fract_transf_matrix[2][3]   0.01166131 
_atom_sites.fract_transf_matrix[3][1]   -0.01267038 
_atom_sites.fract_transf_matrix[3][2]   -0.01850710 
_atom_sites.fract_transf_matrix[3][3]   -0.00874403 
_atom_sites.fract_transf_vector[1]      -0.284352 
_atom_sites.fract_transf_vector[2]      0.225470 
_atom_sites.fract_transf_vector[3]      -0.451148 
_atom_sites.solution_primary            ? 
_atom_sites.solution_secondary          ? 
_atom_sites.solution_hydrogens          ? 
_atom_sites.special_details             ? 
# 
loop_
_atom_type.symbol 
_atom_type.scat_dispersion_real 
_atom_type.scat_dispersion_imag 
_atom_type.scat_Cromer_Mann_a1 
_atom_type.scat_Cromer_Mann_a2 
_atom_type.scat_Cromer_Mann_a3 
_atom_type.scat_Cromer_Mann_a4 
_atom_type.scat_Cromer_Mann_b1 
_atom_type.scat_Cromer_Mann_b2 
_atom_type.scat_Cromer_Mann_b3 
_atom_type.scat_Cromer_Mann_b4 
_atom_type.scat_Cromer_Mann_c 
_atom_type.scat_source 
_atom_type.scat_dispersion_source 
C ? ? 3.54356 2.42580 ? ? 25.62398 1.50364  ? ? 0.0 
;2-Gaussian fit: Grosse-Kunstleve RW, Sauter NK, Adams PD: Newsletter of the IUCr Commission on Crystallographic Computing 2004, 3, 22-31.
;
? 
N ? ? 4.01032 2.96436 ? ? 19.97189 1.75589  ? ? 0.0 
;2-Gaussian fit: Grosse-Kunstleve RW, Sauter NK, Adams PD: Newsletter of the IUCr Commission on Crystallographic Computing 2004, 3, 22-31.
;
? 
O ? ? 4.49882 3.47563 ? ? 15.80542 1.70748  ? ? 0.0 
;2-Gaussian fit: Grosse-Kunstleve RW, Sauter NK, Adams PD: Newsletter of the IUCr Commission on Crystallographic Computing 2004, 3, 22-31.
;
? 
S ? ? 9.55732 6.39887 ? ? 1.23737  29.19336 ? ? 0.0 
;2-Gaussian fit: Grosse-Kunstleve RW, Sauter NK, Adams PD: Newsletter of the IUCr Commission on Crystallographic Computing 2004, 3, 22-31.
;
? 
# 
loop_
_atom_site.group_PDB 
_atom_site.id 
_atom_site.type_symbol 
_atom_site.label_atom_id 
_atom_site.label_alt_id 
_atom_site.label_comp_id 
_atom_site.label_asym_id 
_atom_site.label_entity_id 
_atom_site.label_seq_id 
_atom_site.pdbx_PDB_ins_code 
_atom_site.Cartn_x 
_atom_site.Cartn_y 
_atom_site.Cartn_z 
_atom_site.occupancy 
_atom_site.B_iso_or_equiv 
_atom_site.pdbx_formal_charge 
_atom_site.auth_seq_id 
_atom_site.auth_comp_id 
_atom_site.auth_asym_id 
_atom_site.auth_atom_id 
_atom_site.pdbx_PDB_model_num 
ATOM   1   N N   . ASP A 1 4  ? -14.86219 -3.23869  4.31384   1.000 23.82654 ? 4   ASP A N   1 
ATOM   2   C CA  . ASP A 1 4  ? -14.82112 -4.17948  3.19963   1.000 30.74614 ? 4   ASP A CA  1 
ATOM   3   C C   . ASP A 1 4  ? -13.38799 -4.39407  2.72872   1.000 17.84245 ? 4   ASP A C   1 
ATOM   4   O O   . ASP A 1 4  ? -13.11945 -4.41573  1.52715   1.000 20.65118 ? 4   ASP A O   1 
ATOM   5   C CB  . ASP A 1 4  ? -15.69097 -3.68229  2.04505   1.000 14.57682 ? 4   ASP A CB  1 
ATOM   6   C CG  . ASP A 1 4  ? -17.07825 -3.27839  2.49739   1.000 22.81447 ? 4   ASP A CG  1 
ATOM   7   O OD1 . ASP A 1 4  ? -17.33965 -3.32082  3.71886   1.000 22.93715 ? 4   ASP A OD1 1 
ATOM   8   O OD2 . ASP A 1 4  ? -17.90861 -2.92382  1.63362   1.000 22.74393 ? 4   ASP A OD2 1 
ATOM   9   N N   . ASP A 1 5  ? -12.48060 -4.52951  3.70019   1.000 24.74850 ? 5   ASP A N   1 
ATOM   10  C CA  . ASP A 1 5  ? -11.05229 -4.75318  3.48603   1.000 18.18151 ? 5   ASP A CA  1 
ATOM   11  C C   . ASP A 1 5  ? -10.35904 -3.52494  2.90860   1.000 14.32694 ? 5   ASP A C   1 
ATOM   12  O O   . ASP A 1 5  ? -9.13004  -3.50466  2.78120   1.000 12.26428 ? 5   ASP A O   1 
ATOM   13  C CB  . ASP A 1 5  ? -10.81936 -5.96756  2.58681   1.000 11.13941 ? 5   ASP A CB  1 
ATOM   14  C CG  . ASP A 1 5  ? -10.66380 -7.24230  3.37494   1.000 12.12168 ? 5   ASP A CG  1 
ATOM   15  O OD1 . ASP A 1 5  ? -10.93228 -7.21838  4.59319   1.000 17.71854 ? 5   ASP A OD1 1 
ATOM   16  O OD2 . ASP A 1 5  ? -10.27320 -8.26657  2.78135   1.000 12.82572 ? 5   ASP A OD2 1 
ATOM   17  N N   . GLU A 1 6  ? -11.13356 -2.49483  2.56432   1.000 11.31265 ? 6   GLU A N   1 
ATOM   18  C CA  . GLU A 1 6  ? -10.53758 -1.26492  2.05712   1.000 12.60550 ? 6   GLU A CA  1 
ATOM   19  C C   . GLU A 1 6  ? -9.64887  -0.61731  3.10961   1.000 10.98419 ? 6   GLU A C   1 
ATOM   20  O O   . GLU A 1 6  ? -8.56094  -0.11876  2.79523   1.000 8.07542  ? 6   GLU A O   1 
ATOM   21  C CB  . GLU A 1 6  ? -11.63596 -0.30225  1.60502   1.000 19.27499 ? 6   GLU A CB  1 
ATOM   22  C CG  . GLU A 1 6  ? -12.71843 -0.96604  0.76469   1.000 20.72563 ? 6   GLU A CG  1 
ATOM   23  C CD  . GLU A 1 6  ? -13.94454 -0.09625  0.58993   1.000 24.12723 ? 6   GLU A CD  1 
ATOM   24  O OE1 . GLU A 1 6  ? -14.75678 -0.00359  1.53621   1.000 19.81454 ? 6   GLU A OE1 1 
ATOM   25  O OE2 . GLU A 1 6  ? -14.09694 0.49432   -0.49935  1.000 27.99280 ? 6   GLU A OE2 1 
ATOM   26  N N   . ASP A 1 7  ? -10.09241 -0.62973  4.36911   1.000 9.54176  ? 7   ASP A N   1 
ATOM   27  C CA  . ASP A 1 7  ? -9.29404  -0.06223  5.44960   1.000 11.82144 ? 7   ASP A CA  1 
ATOM   28  C C   . ASP A 1 7  ? -7.97612  -0.80751  5.61322   1.000 8.76502  ? 7   ASP A C   1 
ATOM   29  O O   . ASP A 1 7  ? -6.94480  -0.20002  5.92645   1.000 9.71734  ? 7   ASP A O   1 
ATOM   30  C CB  . ASP A 1 7  ? -10.08820 -0.09127  6.75500   1.000 10.90528 ? 7   ASP A CB  1 
ATOM   31  C CG  . ASP A 1 7  ? -11.29893 0.81429   6.71914   1.000 12.21396 ? 7   ASP A CG  1 
ATOM   32  O OD1 . ASP A 1 7  ? -11.70228 1.22514   5.61151   1.000 13.17894 ? 7   ASP A OD1 1 
ATOM   33  O OD2 . ASP A 1 7  ? -11.84694 1.11750   7.80025   1.000 14.22076 ? 7   ASP A OD2 1 
ATOM   34  N N   . SER A 1 8  ? -7.99521  -2.12730  5.41128   1.000 9.18226  ? 8   SER A N   1 
ATOM   35  C CA  . SER A 1 8  ? -6.77625  -2.92134  5.51918   1.000 6.74282  ? 8   SER A CA  1 
ATOM   36  C C   . SER A 1 8  ? -5.72503  -2.47751  4.51283   1.000 8.60000  ? 8   SER A C   1 
ATOM   37  O O   . SER A 1 8  ? -4.52376  -2.54645  4.79799   1.000 8.46032  ? 8   SER A O   1 
ATOM   38  C CB  . SER A 1 8  ? -7.09968  -4.40144  5.32410   1.000 5.96166  ? 8   SER A CB  1 
ATOM   39  O OG  . SER A 1 8  ? -8.06736  -4.83507  6.26016   1.000 10.79106 ? 8   SER A OG  1 
ATOM   40  N N   . VAL A 1 9  ? -6.15143  -2.02458  3.33361   1.000 8.38365  ? 9   VAL A N   1 
ATOM   41  C CA  . VAL A 1 9  ? -5.19984  -1.51990  2.35077   1.000 6.10419  ? 9   VAL A CA  1 
ATOM   42  C C   . VAL A 1 9  ? -4.66724  -0.15579  2.77679   1.000 6.93542  ? 9   VAL A C   1 
ATOM   43  O O   . VAL A 1 9  ? -3.46872  0.11998   2.65899   1.000 6.55513  ? 9   VAL A O   1 
ATOM   44  C CB  . VAL A 1 9  ? -5.85215  -1.47256  0.95768   1.000 8.63284  ? 9   VAL A CB  1 
ATOM   45  C CG1 . VAL A 1 9  ? -4.89890  -0.86887  -0.06279  1.000 7.63390  ? 9   VAL A CG1 1 
ATOM   46  C CG2 . VAL A 1 9  ? -6.27042  -2.86485  0.53160   1.000 10.24621 ? 9   VAL A CG2 1 
ATOM   47  N N   . ARG A 1 10 ? -5.54599  0.71404   3.28359   1.000 7.06636  ? 10  ARG A N   1 
ATOM   48  C CA  . ARG A 1 10 ? -5.10308  2.01461   3.77992   1.000 7.81979  ? 10  ARG A CA  1 
ATOM   49  C C   . ARG A 1 10 ? -4.13592  1.85682   4.94463   1.000 7.71459  ? 10  ARG A C   1 
ATOM   50  O O   . ARG A 1 10 ? -3.13671  2.57926   5.03479   1.000 5.36471  ? 10  ARG A O   1 
ATOM   51  C CB  . ARG A 1 10 ? -6.30971  2.85153   4.20001   1.000 7.98833  ? 10  ARG A CB  1 
ATOM   52  C CG  . ARG A 1 10 ? -6.67837  3.95766   3.22892   1.000 12.51208 ? 10  ARG A CG  1 
ATOM   53  C CD  . ARG A 1 10 ? -7.96279  4.65871   3.65754   1.000 15.90797 ? 10  ARG A CD  1 
ATOM   54  N NE  . ARG A 1 10 ? -9.14368  3.97828   3.13942   1.000 17.25017 ? 10  ARG A NE  1 
ATOM   55  C CZ  . ARG A 1 10 ? -10.01324 3.30860   3.88391   1.000 13.66304 ? 10  ARG A CZ  1 
ATOM   56  N NH1 . ARG A 1 10 ? -9.88283  3.23051   5.19671   1.000 14.90601 ? 10  ARG A NH1 1 
ATOM   57  N NH2 . ARG A 1 10 ? -11.04135 2.70427   3.29523   1.000 16.34713 ? 10  ARG A NH2 1 
ATOM   58  N N   . TYR A 1 11 ? -4.42389  0.91848   5.84895   1.000 8.09059  ? 11  TYR A N   1 
ATOM   59  C CA  . TYR A 1 11 ? -3.51674  0.61926   6.95180   1.000 5.81319  ? 11  TYR A CA  1 
ATOM   60  C C   . TYR A 1 11 ? -2.14541  0.20109   6.43437   1.000 6.78092  ? 11  TYR A C   1 
ATOM   61  O O   . TYR A 1 11 ? -1.11522  0.73274   6.86480   1.000 3.92398  ? 11  TYR A O   1 
ATOM   62  C CB  . TYR A 1 11 ? -4.12787  -0.48160  7.82190   1.000 6.91731  ? 11  TYR A CB  1 
ATOM   63  C CG  . TYR A 1 11 ? -3.42943  -0.74762  9.13673   1.000 5.29064  ? 11  TYR A CG  1 
ATOM   64  C CD1 . TYR A 1 11 ? -2.19273  -1.38202  9.17913   1.000 5.13171  ? 11  TYR A CD1 1 
ATOM   65  C CD2 . TYR A 1 11 ? -4.02519  -0.40008  10.33887  1.000 5.01567  ? 11  TYR A CD2 1 
ATOM   66  C CE1 . TYR A 1 11 ? -1.56047  -1.63633  10.37596  1.000 4.58187  ? 11  TYR A CE1 1 
ATOM   67  C CE2 . TYR A 1 11 ? -3.40127  -0.65688  11.54460  1.000 4.55575  ? 11  TYR A CE2 1 
ATOM   68  C CZ  . TYR A 1 11 ? -2.17069  -1.27378  11.55751  1.000 4.53464  ? 11  TYR A CZ  1 
ATOM   69  O OH  . TYR A 1 11 ? -1.54430  -1.52611  12.75584  1.000 4.71996  ? 11  TYR A OH  1 
ATOM   70  N N   . LEU A 1 12 ? -2.11633  -0.76496  5.51357   1.000 5.67127  ? 12  LEU A N   1 
ATOM   71  C CA  . LEU A 1 12 ? -0.84700  -1.24149  4.97683   1.000 6.30299  ? 12  LEU A CA  1 
ATOM   72  C C   . LEU A 1 12 ? -0.10516  -0.13161  4.24549   1.000 5.36966  ? 12  LEU A C   1 
ATOM   73  O O   . LEU A 1 12 ? 1.11936   -0.01018  4.36747   1.000 5.92766  ? 12  LEU A O   1 
ATOM   74  C CB  . LEU A 1 12 ? -1.08440  -2.43022  4.04661   1.000 5.73360  ? 12  LEU A CB  1 
ATOM   75  C CG  . LEU A 1 12 ? -1.44011  -3.76373  4.70656   1.000 7.68757  ? 12  LEU A CG  1 
ATOM   76  C CD1 . LEU A 1 12 ? -1.73859  -4.81635  3.64933   1.000 6.35113  ? 12  LEU A CD1 1 
ATOM   77  C CD2 . LEU A 1 12 ? -0.32377  -4.22844  5.63178   1.000 7.31404  ? 12  LEU A CD2 1 
ATOM   78  N N   . LEU A 1 13 ? -0.83005  0.69160   3.48557   1.000 4.18797  ? 13  LEU A N   1 
ATOM   79  C CA  . LEU A 1 13 ? -0.18660  1.77803   2.75543   1.000 5.33489  ? 13  LEU A CA  1 
ATOM   80  C C   . LEU A 1 13 ? 0.49823   2.74282   3.71325   1.000 5.80861  ? 13  LEU A C   1 
ATOM   81  O O   . LEU A 1 13 ? 1.65508   3.12421   3.50309   1.000 5.51528  ? 13  LEU A O   1 
ATOM   82  C CB  . LEU A 1 13 ? -1.20788  2.50884   1.88336   1.000 3.74620  ? 13  LEU A CB  1 
ATOM   83  C CG  . LEU A 1 13 ? -1.66713  1.78622   0.61178   1.000 7.48936  ? 13  LEU A CG  1 
ATOM   84  C CD1 . LEU A 1 13 ? -2.63236  2.64835   -0.19131  1.000 8.19346  ? 13  LEU A CD1 1 
ATOM   85  C CD2 . LEU A 1 13 ? -0.48338  1.36440   -0.24701  1.000 5.49013  ? 13  LEU A CD2 1 
ATOM   86  N N   . TYR A 1 14 ? -0.19901  3.13045   4.78634   1.000 5.59957  ? 14  TYR A N   1 
ATOM   87  C CA  . TYR A 1 14 ? 0.39255   4.02272   5.77874   1.000 6.41725  ? 14  TYR A CA  1 
ATOM   88  C C   . TYR A 1 14 ? 1.65994   3.42332   6.37433   1.000 5.36381  ? 14  TYR A C   1 
ATOM   89  O O   . TYR A 1 14 ? 2.65355   4.13091   6.58241   1.000 4.73402  ? 14  TYR A O   1 
ATOM   90  C CB  . TYR A 1 14 ? -0.62160  4.32511   6.88195   1.000 10.83792 ? 14  TYR A CB  1 
ATOM   91  C CG  . TYR A 1 14 ? -1.74939  5.24315   6.46667   1.000 6.12678  ? 14  TYR A CG  1 
ATOM   92  C CD1 . TYR A 1 14 ? -1.61448  6.09665   5.38433   1.000 5.82993  ? 14  TYR A CD1 1 
ATOM   93  C CD2 . TYR A 1 14 ? -2.94882  5.25514   7.16508   1.000 9.47666  ? 14  TYR A CD2 1 
ATOM   94  C CE1 . TYR A 1 14 ? -2.64380  6.93615   5.00481   1.000 10.32777 ? 14  TYR A CE1 1 
ATOM   95  C CE2 . TYR A 1 14 ? -3.98471  6.09164   6.79574   1.000 12.36243 ? 14  TYR A CE2 1 
ATOM   96  C CZ  . TYR A 1 14 ? -3.82686  6.93037   5.71463   1.000 11.18812 ? 14  TYR A CZ  1 
ATOM   97  O OH  . TYR A 1 14 ? -4.85588  7.76329   5.34033   1.000 8.04871  ? 14  TYR A OH  1 
ATOM   98  N N   . MET A 1 15 ? 1.64703   2.11651   6.64581   1.000 4.78534  ? 15  MET A N   1 
ATOM   99  C CA  . MET A 1 15 ? 2.82207   1.46036   7.21221   1.000 4.63535  ? 15  MET A CA  1 
ATOM   100 C C   . MET A 1 15 ? 4.00538   1.51152   6.25312   1.000 4.70673  ? 15  MET A C   1 
ATOM   101 O O   . MET A 1 15 ? 5.14189   1.76177   6.67113   1.000 5.36704  ? 15  MET A O   1 
ATOM   102 C CB  . MET A 1 15 ? 2.48734   0.01279   7.56970   1.000 6.06686  ? 15  MET A CB  1 
ATOM   103 C CG  . MET A 1 15 ? 1.58714   -0.14785  8.78796   1.000 6.13202  ? 15  MET A CG  1 
ATOM   104 S SD  . MET A 1 15 ? 2.08705   0.89507   10.16804  1.000 7.03035  ? 15  MET A SD  1 
ATOM   105 C CE  . MET A 1 15 ? 3.36397   -0.12506  10.89797  1.000 7.97573  ? 15  MET A CE  1 
ATOM   106 N N   . ALA A 1 16 ? 3.75924   1.26813   4.96283   1.000 5.10635  ? 16  ALA A N   1 
ATOM   107 C CA  . ALA A 1 16 ? 4.83840   1.30109   3.98133   1.000 4.38889  ? 16  ALA A CA  1 
ATOM   108 C C   . ALA A 1 16 ? 5.43352   2.69367   3.84916   1.000 6.65632  ? 16  ALA A C   1 
ATOM   109 O O   . ALA A 1 16 ? 6.63185   2.83013   3.58236   1.000 8.44271  ? 16  ALA A O   1 
ATOM   110 C CB  . ALA A 1 16 ? 4.33536   0.81321   2.62410   1.000 6.22570  ? 16  ALA A CB  1 
ATOM   111 N N   . GLU A 1 17 ? 4.61670   3.73658   4.02212   1.000 7.27945  ? 17  GLU A N   1 
ATOM   112 C CA  . GLU A 1 17 ? 5.15005   5.09453   4.03866   1.000 7.35343  ? 17  GLU A CA  1 
ATOM   113 C C   . GLU A 1 17 ? 6.04546   5.31282   5.24987   1.000 6.78994  ? 17  GLU A C   1 
ATOM   114 O O   . GLU A 1 17 ? 7.11851   5.91629   5.13674   1.000 6.53565  ? 17  GLU A O   1 
ATOM   115 C CB  . GLU A 1 17 ? 4.00772   6.11123   4.03159   1.000 9.11782  ? 17  GLU A CB  1 
ATOM   116 C CG  . GLU A 1 17 ? 3.02024   5.94532   2.88499   1.000 9.87711  ? 17  GLU A CG  1 
ATOM   117 C CD  . GLU A 1 17 ? 1.73234   6.71599   3.11238   1.000 12.20636 ? 17  GLU A CD  1 
ATOM   118 O OE1 . GLU A 1 17 ? 1.54915   7.25368   4.22477   1.000 12.11491 ? 17  GLU A OE1 1 
ATOM   119 O OE2 . GLU A 1 17 ? 0.90283   6.78360   2.18067   1.000 13.41986 ? 17  GLU A OE2 1 
ATOM   120 N N   . LEU A 1 18 ? 5.62042   4.82707   6.41830   1.000 5.86360  ? 18  LEU A N   1 
ATOM   121 C CA  . LEU A 1 18 ? 6.42957   4.97859   7.62246   1.000 6.94180  ? 18  LEU A CA  1 
ATOM   122 C C   . LEU A 1 18 ? 7.75112   4.23155   7.49316   1.000 6.14157  ? 18  LEU A C   1 
ATOM   123 O O   . LEU A 1 18 ? 8.81978   4.78887   7.76645   1.000 7.75949  ? 18  LEU A O   1 
ATOM   124 C CB  . LEU A 1 18 ? 5.65246   4.49190   8.84412   1.000 3.22304  ? 18  LEU A CB  1 
ATOM   125 C CG  . LEU A 1 18 ? 6.47988   4.36124   10.12147  1.000 5.64130  ? 18  LEU A CG  1 
ATOM   126 C CD1 . LEU A 1 18 ? 7.00991   5.72380   10.56393  1.000 6.57954  ? 18  LEU A CD1 1 
ATOM   127 C CD2 . LEU A 1 18 ? 5.65468   3.71708   11.22047  1.000 5.52169  ? 18  LEU A CD2 1 
ATOM   128 N N   . ARG A 1 19 ? 7.69720   2.96291   7.07769   1.000 5.42272  ? 19  ARG A N   1 
ATOM   129 C CA  . ARG A 1 19 ? 8.92710   2.20215   6.87872   1.000 5.84325  ? 19  ARG A CA  1 
ATOM   130 C C   . ARG A 1 19 ? 9.82710   2.85746   5.83899   1.000 6.74275  ? 19  ARG A C   1 
ATOM   131 O O   . ARG A 1 19 ? 11.05491  2.78999   5.95185   1.000 7.89116  ? 19  ARG A O   1 
ATOM   132 C CB  . ARG A 1 19 ? 8.60103   0.76430   6.47176   1.000 8.02075  ? 19  ARG A CB  1 
ATOM   133 C CG  . ARG A 1 19 ? 8.55395   -0.21861  7.63645   1.000 6.89302  ? 19  ARG A CG  1 
ATOM   134 C CD  . ARG A 1 19 ? 7.18479   -0.21896  8.28973   1.000 10.49972 ? 19  ARG A CD  1 
ATOM   135 N NE  . ARG A 1 19 ? 7.13394   -1.03754  9.49609   1.000 10.72948 ? 19  ARG A NE  1 
ATOM   136 C CZ  . ARG A 1 19 ? 7.19702   -0.55523  10.72967  1.000 10.53928 ? 19  ARG A CZ  1 
ATOM   137 N NH1 . ARG A 1 19 ? 7.33798   0.74059   10.95870  1.000 9.31622  ? 19  ARG A NH1 1 
ATOM   138 N NH2 . ARG A 1 19 ? 7.11560   -1.39349  11.75944  1.000 8.96613  ? 19  ARG A NH2 1 
ATOM   139 N N   . TYR A 1 20 ? 9.24264   3.49365   4.82253   1.000 5.08035  ? 20  TYR A N   1 
ATOM   140 C CA  . TYR A 1 20 ? 10.05185  4.27594   3.89520   1.000 8.02260  ? 20  TYR A CA  1 
ATOM   141 C C   . TYR A 1 20 ? 10.58537  5.53348   4.56878   1.000 9.37979  ? 20  TYR A C   1 
ATOM   142 O O   . TYR A 1 20 ? 11.73841  5.92526   4.35029   1.000 8.29073  ? 20  TYR A O   1 
ATOM   143 C CB  . TYR A 1 20 ? 9.23374   4.63958   2.65853   1.000 7.17011  ? 20  TYR A CB  1 
ATOM   144 C CG  . TYR A 1 20 ? 10.03706  5.34724   1.58797   1.000 17.07281 ? 20  TYR A CG  1 
ATOM   145 C CD1 . TYR A 1 20 ? 10.83642  4.63308   0.70490   1.000 12.76166 ? 20  TYR A CD1 1 
ATOM   146 C CD2 . TYR A 1 20 ? 9.99767   6.73151   1.46341   1.000 16.48446 ? 20  TYR A CD2 1 
ATOM   147 C CE1 . TYR A 1 20 ? 11.57242  5.27866   -0.27362  1.000 16.26542 ? 20  TYR A CE1 1 
ATOM   148 C CE2 . TYR A 1 20 ? 10.72993  7.38463   0.49007   1.000 13.89469 ? 20  TYR A CE2 1 
ATOM   149 C CZ  . TYR A 1 20 ? 11.51474  6.65457   -0.37474  1.000 19.26785 ? 20  TYR A CZ  1 
ATOM   150 O OH  . TYR A 1 20 ? 12.24273  7.30413   -1.34463  1.000 22.96934 ? 20  TYR A OH  1 
ATOM   151 N N   . GLU A 1 21 ? 9.75154   6.17609   5.38874   1.000 7.85663  ? 21  GLU A N   1 
ATOM   152 C CA  . GLU A 1 21 ? 10.16248  7.38021   6.09956   1.000 5.77957  ? 21  GLU A CA  1 
ATOM   153 C C   . GLU A 1 21 ? 11.30443  7.08702   7.06049   1.000 6.72801  ? 21  GLU A C   1 
ATOM   154 O O   . GLU A 1 21 ? 12.24562  7.87937   7.18180   1.000 6.07478  ? 21  GLU A O   1 
ATOM   155 C CB  . GLU A 1 21 ? 8.96065   7.96162   6.84195   1.000 7.40587  ? 21  GLU A CB  1 
ATOM   156 C CG  . GLU A 1 21 ? 9.28711   9.04649   7.83379   1.000 9.34437  ? 21  GLU A CG  1 
ATOM   157 C CD  . GLU A 1 21 ? 8.04465   9.63445   8.46542   1.000 8.40667  ? 21  GLU A CD  1 
ATOM   158 O OE1 . GLU A 1 21 ? 6.93440   9.16391   8.14087   1.000 7.55382  ? 21  GLU A OE1 1 
ATOM   159 O OE2 . GLU A 1 21 ? 8.17666   10.56634  9.28359   1.000 13.18842 ? 21  GLU A OE2 1 
ATOM   160 N N   . GLN A 1 22 ? 11.24440  5.94513   7.74261   1.000 7.13475  ? 22  GLN A N   1 
ATOM   161 C CA  . GLN A 1 22 ? 12.30230  5.52137   8.64876   1.000 8.18898  ? 22  GLN A CA  1 
ATOM   162 C C   . GLN A 1 22 ? 13.55562  5.04699   7.92400   1.000 11.42020 ? 22  GLN A C   1 
ATOM   163 O O   . GLN A 1 22 ? 14.49189  4.58973   8.58990   1.000 10.78135 ? 22  GLN A O   1 
ATOM   164 C CB  . GLN A 1 22 ? 11.78522  4.40914   9.56088   1.000 6.26406  ? 22  GLN A CB  1 
ATOM   165 C CG  . GLN A 1 22 ? 10.65037  4.83122   10.47206  1.000 7.46437  ? 22  GLN A CG  1 
ATOM   166 C CD  . GLN A 1 22 ? 10.01089  3.65609   11.18380  1.000 6.69928  ? 22  GLN A CD  1 
ATOM   167 O OE1 . GLN A 1 22 ? 9.95189   2.54702   10.64987  1.000 6.91740  ? 22  GLN A OE1 1 
ATOM   168 N NE2 . GLN A 1 22 ? 9.52906   3.89239   12.39662  1.000 5.60996  ? 22  GLN A NE2 1 
ATOM   169 N N   . GLY A 1 23 ? 13.59638  5.13037   6.59561   1.000 7.63339  ? 23  GLY A N   1 
ATOM   170 C CA  . GLY A 1 23 ? 14.76611  4.71522   5.84955   1.000 6.39218  ? 23  GLY A CA  1 
ATOM   171 C C   . GLY A 1 23 ? 14.88128  3.23062   5.59852   1.000 9.24124  ? 23  GLY A C   1 
ATOM   172 O O   . GLY A 1 23 ? 15.99056  2.74086   5.37224   1.000 10.93224 ? 23  GLY A O   1 
ATOM   173 N N   . ASN A 1 24 ? 13.76938  2.49161   5.63509   1.000 15.00115 ? 24  ASN A N   1 
ATOM   174 C CA  . ASN A 1 24 ? 13.75010  1.05663   5.36104   1.000 8.59254  ? 24  ASN A CA  1 
ATOM   175 C C   . ASN A 1 24 ? 13.06946  0.82546   4.01826   1.000 10.22450 ? 24  ASN A C   1 
ATOM   176 O O   . ASN A 1 24 ? 11.83995  0.69117   3.95439   1.000 11.96169 ? 24  ASN A O   1 
ATOM   177 C CB  . ASN A 1 24 ? 13.02397  0.29622   6.47378   1.000 14.58618 ? 24  ASN A CB  1 
ATOM   178 C CG  . ASN A 1 24 ? 13.34484  -1.19062  6.47512   1.000 13.83043 ? 24  ASN A CG  1 
ATOM   179 O OD1 . ASN A 1 24 ? 13.77246  -1.74945  5.46387   1.000 11.22532 ? 24  ASN A OD1 1 
ATOM   180 N ND2 . ASN A 1 24 ? 13.13528  -1.83822  7.61575   1.000 11.79997 ? 24  ASN A ND2 1 
ATOM   181 N N   . PRO A 1 25 ? 13.81870  0.75989   2.92046   1.000 13.06029 ? 25  PRO A N   1 
ATOM   182 C CA  . PRO A 1 25 ? 13.18122  0.65348   1.60103   1.000 12.12660 ? 25  PRO A CA  1 
ATOM   183 C C   . PRO A 1 25 ? 12.68525  -0.75172  1.30388   1.000 11.51066 ? 25  PRO A C   1 
ATOM   184 O O   . PRO A 1 25 ? 11.73133  -0.93621  0.54132   1.000 13.73283 ? 25  PRO A O   1 
ATOM   185 C CB  . PRO A 1 25 ? 14.30551  1.06524   0.64644   1.000 16.10946 ? 25  PRO A CB  1 
ATOM   186 C CG  . PRO A 1 25 ? 15.55114  0.61400   1.34843   1.000 9.89153  ? 25  PRO A CG  1 
ATOM   187 C CD  . PRO A 1 25 ? 15.28976  0.74409   2.83142   1.000 10.14812 ? 25  PRO A CD  1 
ATOM   188 N N   . GLU A 1 26 ? 13.32739  -1.74986  1.91428   1.000 10.37555 ? 26  GLU A N   1 
ATOM   189 C CA  . GLU A 1 26 ? 12.98521  -3.13952  1.63077   1.000 15.05142 ? 26  GLU A CA  1 
ATOM   190 C C   . GLU A 1 26 ? 11.66720  -3.53318  2.28559   1.000 12.64017 ? 26  GLU A C   1 
ATOM   191 O O   . GLU A 1 26 ? 10.83548  -4.20342  1.66379   1.000 11.32319 ? 26  GLU A O   1 
ATOM   192 C CB  . GLU A 1 26 ? 14.11179  -4.05901  2.10011   1.000 10.40752 ? 26  GLU A CB  1 
ATOM   193 C CG  . GLU A 1 26 ? 15.43429  -3.85039  1.38148   1.000 13.26844 ? 26  GLU A CG  1 
ATOM   194 C CD  . GLU A 1 26 ? 15.40418  -4.33997  -0.05362  1.000 23.22798 ? 26  GLU A CD  1 
ATOM   195 O OE1 . GLU A 1 26 ? 14.96498  -5.48850  -0.28598  1.000 16.40956 ? 26  GLU A OE1 1 
ATOM   196 O OE2 . GLU A 1 26 ? 15.82943  -3.57804  -0.94786  1.000 25.49264 ? 26  GLU A OE2 1 
ATOM   197 N N   . LYS A 1 27 ? 11.46177  -3.13718  3.54306   1.000 11.46044 ? 27  LYS A N   1 
ATOM   198 C CA  . LYS A 1 27 ? 10.20756  -3.46061  4.21433   1.000 9.10484  ? 27  LYS A CA  1 
ATOM   199 C C   . LYS A 1 27 ? 9.03971   -2.71377  3.58262   1.000 9.41644  ? 27  LYS A C   1 
ATOM   200 O O   . LYS A 1 27 ? 7.93272   -3.25367  3.48059   1.000 9.88109  ? 27  LYS A O   1 
ATOM   201 C CB  . LYS A 1 27 ? 10.31140  -3.13670  5.70408   1.000 9.67740  ? 27  LYS A CB  1 
ATOM   202 C CG  . LYS A 1 27 ? 9.46628   -4.03158  6.59810   1.000 9.66789  ? 27  LYS A CG  1 
ATOM   203 C CD  . LYS A 1 27 ? 10.09857  -4.17991  7.97511   1.000 9.33160  ? 27  LYS A CD  1 
ATOM   204 C CE  . LYS A 1 27 ? 9.06289   -4.54849  9.02442   1.000 10.73754 ? 27  LYS A CE  1 
ATOM   205 N NZ  . LYS A 1 27 ? 9.65919   -4.62036  10.38950  1.000 13.89661 ? 27  LYS A NZ  1 
ATOM   206 N N   . ALA A 1 28 ? 9.27064   -1.47320  3.14625   1.000 8.29041  ? 28  ALA A N   1 
ATOM   207 C CA  . ALA A 1 28 ? 8.20173   -0.69349  2.53131   1.000 8.24526  ? 28  ALA A CA  1 
ATOM   208 C C   . ALA A 1 28 ? 7.69527   -1.35551  1.25541   1.000 9.06673  ? 28  ALA A C   1 
ATOM   209 O O   . ALA A 1 28 ? 6.48474   -1.39135  1.00440   1.000 10.97930 ? 28  ALA A O   1 
ATOM   210 C CB  . ALA A 1 28 ? 8.68907   0.72523   2.24763   1.000 5.93405  ? 28  ALA A CB  1 
ATOM   211 N N   . LYS A 1 29 ? 8.60508   -1.88760  0.43619   1.000 10.69663 ? 29  LYS A N   1 
ATOM   212 C CA  . LYS A 1 29 ? 8.18258   -2.59449  -0.76856  1.000 10.42466 ? 29  LYS A CA  1 
ATOM   213 C C   . LYS A 1 29 ? 7.37716   -3.83685  -0.41900  1.000 7.53435  ? 29  LYS A C   1 
ATOM   214 O O   . LYS A 1 29 ? 6.39306   -4.15706  -1.09421  1.000 8.56477  ? 29  LYS A O   1 
ATOM   215 C CB  . LYS A 1 29 ? 9.39846   -2.96798  -1.61854  1.000 12.15224 ? 29  LYS A CB  1 
ATOM   216 C CG  . LYS A 1 29 ? 9.10844   -3.98829  -2.71477  1.000 10.13285 ? 29  LYS A CG  1 
ATOM   217 C CD  . LYS A 1 29 ? 8.05456   -3.47810  -3.69397  1.000 12.93174 ? 29  LYS A CD  1 
ATOM   218 C CE  . LYS A 1 29 ? 8.14484   -4.19357  -5.03411  1.000 11.41517 ? 29  LYS A CE  1 
ATOM   219 N NZ  . LYS A 1 29 ? 8.05560   -3.25405  -6.18611  1.000 9.32173  ? 29  LYS A NZ  1 
ATOM   220 N N   . LYS A 1 30 ? 7.77683   -4.54571  0.63830   1.000 11.77191 ? 30  LYS A N   1 
ATOM   221 C CA  . LYS A 1 30 ? 7.07987   -5.77071  1.01634   1.000 11.04985 ? 30  LYS A CA  1 
ATOM   222 C C   . LYS A 1 30 ? 5.65699   -5.47401  1.46900   1.000 8.91656  ? 30  LYS A C   1 
ATOM   223 O O   . LYS A 1 30 ? 4.70976   -6.14770  1.04826   1.000 11.34499 ? 30  LYS A O   1 
ATOM   224 C CB  . LYS A 1 30 ? 7.85407   -6.49987  2.11396   1.000 11.53741 ? 30  LYS A CB  1 
ATOM   225 C CG  . LYS A 1 30 ? 9.21068   -7.03344  1.67959   1.000 9.36658  ? 30  LYS A CG  1 
ATOM   226 C CD  . LYS A 1 30 ? 9.75440   -8.01724  2.70488   1.000 7.53939  ? 30  LYS A CD  1 
ATOM   227 C CE  . LYS A 1 30 ? 11.27621  -8.02764  2.73183   1.000 15.55606 ? 30  LYS A CE  1 
ATOM   228 N NZ  . LYS A 1 30 ? 11.84809  -6.86226  3.46518   1.000 18.95975 ? 30  LYS A NZ  1 
ATOM   229 N N   . ILE A 1 31 ? 5.48737   -4.46949  2.33371   1.000 8.98703  ? 31  ILE A N   1 
ATOM   230 C CA  . ILE A 1 31 ? 4.14777   -4.07063  2.75377   1.000 5.60405  ? 31  ILE A CA  1 
ATOM   231 C C   . ILE A 1 31 ? 3.36238   -3.53119  1.57052   1.000 8.68386  ? 31  ILE A C   1 
ATOM   232 O O   . ILE A 1 31 ? 2.13448   -3.67269  1.51059   1.000 7.72576  ? 31  ILE A O   1 
ATOM   233 C CB  . ILE A 1 31 ? 4.22394   -3.03596  3.89415   1.000 6.16467  ? 31  ILE A CB  1 
ATOM   234 C CG1 . ILE A 1 31 ? 5.17419   -3.51153  4.99040   1.000 7.07134  ? 31  ILE A CG1 1 
ATOM   235 C CG2 . ILE A 1 31 ? 2.84409   -2.77552  4.48001   1.000 4.31419  ? 31  ILE A CG2 1 
ATOM   236 C CD1 . ILE A 1 31 ? 5.70204   -2.38819  5.85287   1.000 5.20363  ? 31  ILE A CD1 1 
ATOM   237 N N   . LEU A 1 32 ? 4.05215   -2.90845  0.61119   1.000 8.54277  ? 32  LEU A N   1 
ATOM   238 C CA  . LEU A 1 32 ? 3.38773   -2.44306  -0.60123  1.000 8.77717  ? 32  LEU A CA  1 
ATOM   239 C C   . LEU A 1 32 ? 2.92793   -3.61284  -1.46151  1.000 8.12301  ? 32  LEU A C   1 
ATOM   240 O O   . LEU A 1 32 ? 1.82607   -3.58245  -2.02150  1.000 12.15171 ? 32  LEU A O   1 
ATOM   241 C CB  . LEU A 1 32 ? 4.32337   -1.53037  -1.39418  1.000 8.64446  ? 32  LEU A CB  1 
ATOM   242 C CG  . LEU A 1 32 ? 3.98365   -0.03970  -1.35588  1.000 10.99319 ? 32  LEU A CG  1 
ATOM   243 C CD1 . LEU A 1 32 ? 5.02916   0.77143   -2.10348  1.000 16.64560 ? 32  LEU A CD1 1 
ATOM   244 C CD2 . LEU A 1 32 ? 2.60038   0.20242   -1.93590  1.000 13.22426 ? 32  LEU A CD2 1 
ATOM   245 N N   . GLU A 1 33 ? 3.76376   -4.64497  -1.58924  1.000 7.56417  ? 33  GLU A N   1 
ATOM   246 C CA  . GLU A 1 33 ? 3.35885   -5.83800  -2.32486  1.000 8.67433  ? 33  GLU A CA  1 
ATOM   247 C C   . GLU A 1 33 ? 2.11404   -6.46047  -1.71087  1.000 7.54966  ? 33  GLU A C   1 
ATOM   248 O O   . GLU A 1 33 ? 1.18117   -6.84008  -2.42689  1.000 9.46183  ? 33  GLU A O   1 
ATOM   249 C CB  . GLU A 1 33 ? 4.49881   -6.85353  -2.34525  1.000 8.33193  ? 33  GLU A CB  1 
ATOM   250 C CG  . GLU A 1 33 ? 5.59511   -6.56552  -3.35447  1.000 14.09365 ? 33  GLU A CG  1 
ATOM   251 C CD  . GLU A 1 33 ? 6.79443   -7.47888  -3.17103  1.000 11.66785 ? 33  GLU A CD  1 
ATOM   252 O OE1 . GLU A 1 33 ? 6.64309   -8.54474  -2.53586  1.000 13.34143 ? 33  GLU A OE1 1 
ATOM   253 O OE2 . GLU A 1 33 ? 7.88931   -7.13313  -3.65880  1.000 17.56655 ? 33  GLU A OE2 1 
ATOM   254 N N   . MET A 1 34 ? 2.08274   -6.57006  -0.38179  1.000 9.57291  ? 34  MET A N   1 
ATOM   255 C CA  . MET A 1 34 ? 0.90938   -7.11562  0.29156   1.000 7.52859  ? 34  MET A CA  1 
ATOM   256 C C   . MET A 1 34 ? -0.30270  -6.21427  0.10477   1.000 7.03912  ? 34  MET A C   1 
ATOM   257 O O   . MET A 1 34 ? -1.41639  -6.70097  -0.12059  1.000 6.32908  ? 34  MET A O   1 
ATOM   258 C CB  . MET A 1 34 ? 1.20396   -7.30801  1.77586   1.000 5.62766  ? 34  MET A CB  1 
ATOM   259 C CG  . MET A 1 34 ? 2.13592   -8.46815  2.07716   1.000 10.89701 ? 34  MET A CG  1 
ATOM   260 S SD  . MET A 1 34 ? 2.27482   -8.83220  3.84084   1.000 17.71275 ? 34  MET A SD  1 
ATOM   261 C CE  . MET A 1 34 ? 1.08231   -7.69145  4.53455   1.000 6.15078  ? 34  MET A CE  1 
ATOM   262 N N   . ALA A 1 35 ? -0.10625  -4.89725  0.19647   1.000 10.42134 ? 35  ALA A N   1 
ATOM   263 C CA  . ALA A 1 35 ? -1.21470  -3.97207  -0.00824  1.000 10.09726 ? 35  ALA A CA  1 
ATOM   264 C C   . ALA A 1 35 ? -1.71580  -4.00893  -1.44461  1.000 6.82262  ? 35  ALA A C   1 
ATOM   265 O O   . ALA A 1 35 ? -2.91015  -3.80581  -1.68778  1.000 7.23255  ? 35  ALA A O   1 
ATOM   266 C CB  . ALA A 1 35 ? -0.79647  -2.55219  0.37195   1.000 6.24225  ? 35  ALA A CB  1 
ATOM   267 N N   . GLU A 1 36 ? -0.82845  -4.27418  -2.40309  1.000 8.43397  ? 36  GLU A N   1 
ATOM   268 C CA  . GLU A 1 36 ? -1.24559  -4.34513  -3.79832  1.000 10.20724 ? 36  GLU A CA  1 
ATOM   269 C C   . GLU A 1 36 ? -1.97937  -5.64661  -4.09944  1.000 9.06672  ? 36  GLU A C   1 
ATOM   270 O O   . GLU A 1 36 ? -2.92983  -5.65510  -4.88932  1.000 12.39615 ? 36  GLU A O   1 
ATOM   271 C CB  . GLU A 1 36 ? -0.03297  -4.18934  -4.71586  1.000 12.38951 ? 36  GLU A CB  1 
ATOM   272 C CG  . GLU A 1 36 ? -0.38371  -4.11114  -6.18993  1.000 12.68806 ? 36  GLU A CG  1 
ATOM   273 C CD  . GLU A 1 36 ? 0.79778   -3.71099  -7.04498  1.000 18.48791 ? 36  GLU A CD  1 
ATOM   274 O OE1 . GLU A 1 36 ? 1.91929   -3.62137  -6.50176  1.000 25.35507 ? 36  GLU A OE1 1 
ATOM   275 O OE2 . GLU A 1 36 ? 0.60517   -3.48752  -8.25916  1.000 19.53648 ? 36  GLU A OE2 1 
ATOM   276 N N   . PHE A 1 37 ? -1.55107  -6.75284  -3.48582  1.000 8.20645  ? 37  PHE A N   1 
ATOM   277 C CA  . PHE A 1 37 ? -2.23547  -8.02650  -3.68794  1.000 8.45986  ? 37  PHE A CA  1 
ATOM   278 C C   . PHE A 1 37 ? -3.69491  -7.93478  -3.26078  1.000 8.59096  ? 37  PHE A C   1 
ATOM   279 O O   . PHE A 1 37 ? -4.60101  -8.30162  -4.01787  1.000 9.79781  ? 37  PHE A O   1 
ATOM   280 C CB  . PHE A 1 37 ? -1.51391  -9.13655  -2.91938  1.000 10.27699 ? 37  PHE A CB  1 
ATOM   281 C CG  . PHE A 1 37 ? -2.00657  -10.52085 -3.24317  1.000 9.82151  ? 37  PHE A CG  1 
ATOM   282 C CD1 . PHE A 1 37 ? -3.03994  -11.09234 -2.52088  1.000 11.07702 ? 37  PHE A CD1 1 
ATOM   283 C CD2 . PHE A 1 37 ? -1.43575  -11.24893 -4.27147  1.000 14.43450 ? 37  PHE A CD2 1 
ATOM   284 C CE1 . PHE A 1 37 ? -3.49332  -12.36231 -2.81985  1.000 9.08717  ? 37  PHE A CE1 1 
ATOM   285 C CE2 . PHE A 1 37 ? -1.88636  -12.51948 -4.57235  1.000 10.97326 ? 37  PHE A CE2 1 
ATOM   286 C CZ  . PHE A 1 37 ? -2.91615  -13.07355 -3.84668  1.000 8.90354  ? 37  PHE A CZ  1 
ATOM   287 N N   . ILE A 1 38 ? -3.94068  -7.43068  -2.04949  1.000 7.23611  ? 38  ILE A N   1 
ATOM   288 C CA  . ILE A 1 38 ? -5.30396  -7.32860  -1.54093  1.000 4.86274  ? 38  ILE A CA  1 
ATOM   289 C C   . ILE A 1 38 ? -6.11588  -6.34059  -2.36808  1.000 5.04203  ? 38  ILE A C   1 
ATOM   290 O O   . ILE A 1 38 ? -7.28449  -6.59110  -2.68711  1.000 5.16739  ? 38  ILE A O   1 
ATOM   291 C CB  . ILE A 1 38 ? -5.28464  -6.93958  -0.05082  1.000 4.32242  ? 38  ILE A CB  1 
ATOM   292 C CG1 . ILE A 1 38 ? -4.69677  -8.07462  0.78870   1.000 3.76330  ? 38  ILE A CG1 1 
ATOM   293 C CG2 . ILE A 1 38 ? -6.68194  -6.58560  0.43420   1.000 2.52044  ? 38  ILE A CG2 1 
ATOM   294 C CD1 . ILE A 1 38 ? -3.90816  -7.60053  1.97540   1.000 4.63728  ? 38  ILE A CD1 1 
ATOM   295 N N   . ALA A 1 39 ? -5.51288  -5.20622  -2.73033  1.000 7.37891  ? 39  ALA A N   1 
ATOM   296 C CA  . ALA A 1 39 ? -6.24887  -4.17396  -3.45375  1.000 6.83223  ? 39  ALA A CA  1 
ATOM   297 C C   . ALA A 1 39 ? -6.72120  -4.67530  -4.81060  1.000 8.16762  ? 39  ALA A C   1 
ATOM   298 O O   . ALA A 1 39 ? -7.87123  -4.44294  -5.19863  1.000 9.43378  ? 39  ALA A O   1 
ATOM   299 C CB  . ALA A 1 39 ? -5.38278  -2.92609  -3.61614  1.000 8.45504  ? 39  ALA A CB  1 
ATOM   300 N N   . LYS A 1 40 ? -5.84987  -5.36775  -5.54617  1.000 10.13319 ? 40  LYS A N   1 
ATOM   301 C CA  . LYS A 1 40 ? -6.22185  -5.89261  -6.85382  1.000 10.96340 ? 40  LYS A CA  1 
ATOM   302 C C   . LYS A 1 40 ? -7.23609  -7.02527  -6.76647  1.000 12.16573 ? 40  LYS A C   1 
ATOM   303 O O   . LYS A 1 40 ? -7.83321  -7.37637  -7.79094  1.000 8.86838  ? 40  LYS A O   1 
ATOM   304 C CB  . LYS A 1 40 ? -4.97550  -6.36707  -7.60418  1.000 11.48083 ? 40  LYS A CB  1 
ATOM   305 C CG  . LYS A 1 40 ? -4.06445  -5.23958  -8.05907  1.000 11.85672 ? 40  LYS A CG  1 
ATOM   306 C CD  . LYS A 1 40 ? -2.76629  -5.76398  -8.64634  1.000 16.10564 ? 40  LYS A CD  1 
ATOM   307 C CE  . LYS A 1 40 ? -2.47989  -5.12540  -9.99426  1.000 13.79405 ? 40  LYS A CE  1 
ATOM   308 N NZ  . LYS A 1 40 ? -3.51439  -5.47613  -11.00557 1.000 20.96956 ? 40  LYS A NZ  1 
ATOM   309 N N   . ARG A 1 41 ? -7.44162  -7.60024  -5.58160  1.000 7.62751  ? 41  ARG A N   1 
ATOM   310 C CA  . ARG A 1 41 ? -8.46269  -8.61508  -5.36238  1.000 7.61617  ? 41  ARG A CA  1 
ATOM   311 C C   . ARG A 1 41 ? -9.73948  -8.03465  -4.77240  1.000 9.12890  ? 41  ARG A C   1 
ATOM   312 O O   . ARG A 1 41 ? -10.66883 -8.79106  -4.47476  1.000 8.73599  ? 41  ARG A O   1 
ATOM   313 C CB  . ARG A 1 41 ? -7.92850  -9.72251  -4.44505  1.000 10.19342 ? 41  ARG A CB  1 
ATOM   314 C CG  . ARG A 1 41 ? -7.28537  -10.90011 -5.17332  1.000 10.90179 ? 41  ARG A CG  1 
ATOM   315 C CD  . ARG A 1 41 ? -6.05405  -10.46142 -5.94570  1.000 12.68844 ? 41  ARG A CD  1 
ATOM   316 N NE  . ARG A 1 41 ? -5.25083  -11.57847 -6.42874  1.000 9.41918  ? 41  ARG A NE  1 
ATOM   317 C CZ  . ARG A 1 41 ? -4.06206  -11.43975 -6.99877  1.000 10.40865 ? 41  ARG A CZ  1 
ATOM   318 N NH1 . ARG A 1 41 ? -3.50700  -10.24933 -7.15287  1.000 11.12125 ? 41  ARG A NH1 1 
ATOM   319 N NH2 . ARG A 1 41 ? -3.41405  -12.52011 -7.42359  1.000 14.16294 ? 41  ARG A NH2 1 
ATOM   320 N N   . ASN A 1 42 ? -9.80002  -6.71859  -4.58414  1.000 10.35100 ? 42  ASN A N   1 
ATOM   321 C CA  . ASN A 1 42 ? -10.99482 -6.03566  -4.11255  1.000 9.22434  ? 42  ASN A CA  1 
ATOM   322 C C   . ASN A 1 42 ? -11.75822 -5.45128  -5.29732  1.000 15.16317 ? 42  ASN A C   1 
ATOM   323 O O   . ASN A 1 42 ? -11.17290 -5.10416  -6.32611  1.000 15.72079 ? 42  ASN A O   1 
ATOM   324 C CB  . ASN A 1 42 ? -10.63589 -4.92654  -3.11698  1.000 11.28264 ? 42  ASN A CB  1 
ATOM   325 C CG  . ASN A 1 42 ? -10.74818 -5.37716  -1.66437  1.000 9.73043  ? 42  ASN A CG  1 
ATOM   326 O OD1 . ASN A 1 42 ? -11.62455 -4.92369  -0.93001  1.000 11.21715 ? 42  ASN A OD1 1 
ATOM   327 N ND2 . ASN A 1 42 ? -9.84943  -6.26252  -1.24319  1.000 6.03523  ? 42  ASN A ND2 1 
ATOM   328 N N   . ASN A 1 43 ? -13.08106 -5.35401  -5.14489  1.000 17.81547 ? 43  ASN A N   1 
ATOM   329 C CA  . ASN A 1 43 ? -13.94128 -4.85929  -6.21526  1.000 18.61353 ? 43  ASN A CA  1 
ATOM   330 C C   . ASN A 1 43 ? -13.82227 -3.35465  -6.42801  1.000 18.06647 ? 43  ASN A C   1 
ATOM   331 O O   . ASN A 1 43 ? -14.35248 -2.84493  -7.42076  1.000 16.72347 ? 43  ASN A O   1 
ATOM   332 C CB  . ASN A 1 43 ? -15.39993 -5.22109  -5.91805  1.000 18.38789 ? 43  ASN A CB  1 
ATOM   333 C CG  . ASN A 1 43 ? -16.21990 -5.45254  -7.17731  1.000 15.87351 ? 43  ASN A CG  1 
ATOM   334 O OD1 . ASN A 1 43 ? -15.67617 -5.65230  -8.25939  1.000 18.13702 ? 43  ASN A OD1 1 
ATOM   335 N ND2 . ASN A 1 43 ? -17.53912 -5.42992  -7.03506  1.000 16.76146 ? 43  ASN A ND2 1 
ATOM   336 N N   . ASN A 1 44 ? -13.14504 -2.64073  -5.53185  1.000 15.76413 ? 44  ASN A N   1 
ATOM   337 C CA  . ASN A 1 44 ? -13.04103 -1.18951  -5.60150  1.000 17.40634 ? 44  ASN A CA  1 
ATOM   338 C C   . ASN A 1 44 ? -11.88243 -0.78513  -6.50333  1.000 21.16099 ? 44  ASN A C   1 
ATOM   339 O O   . ASN A 1 44 ? -10.75972 -1.27491  -6.34229  1.000 27.00160 ? 44  ASN A O   1 
ATOM   340 C CB  . ASN A 1 44 ? -12.85028 -0.60370  -4.20143  1.000 23.80293 ? 44  ASN A CB  1 
ATOM   341 C CG  . ASN A 1 44 ? -13.25182 0.85518   -4.11759  1.000 16.20658 ? 44  ASN A CG  1 
ATOM   342 O OD1 . ASN A 1 44 ? -12.78625 1.68640   -4.89749  1.000 19.73619 ? 44  ASN A OD1 1 
ATOM   343 N ND2 . ASN A 1 44 ? -14.11772 1.17508   -3.16471  1.000 16.55693 ? 44  ASN A ND2 1 
ATOM   344 N N   . GLU A 1 45 ? -12.15901 0.11513   -7.44695  1.000 18.20937 ? 45  GLU A N   1 
ATOM   345 C CA  . GLU A 1 45 ? -11.13676 0.62639   -8.35148  1.000 18.39946 ? 45  GLU A CA  1 
ATOM   346 C C   . GLU A 1 45 ? -10.36491 1.80348   -7.77732  1.000 24.58006 ? 45  GLU A C   1 
ATOM   347 O O   . GLU A 1 45 ? -9.19521  1.99720   -8.13059  1.000 22.07280 ? 45  GLU A O   1 
ATOM   348 C CB  . GLU A 1 45 ? -11.76680 1.03580   -9.68387  1.000 23.67989 ? 45  GLU A CB  1 
ATOM   349 C CG  . GLU A 1 45 ? -11.99242 -0.11695  -10.64883 1.000 27.29816 ? 45  GLU A CG  1 
ATOM   350 C CD  . GLU A 1 45 ? -10.69281 -0.79104  -11.05657 1.000 32.56509 ? 45  GLU A CD  1 
ATOM   351 O OE1 . GLU A 1 45 ? -10.21755 -0.52247  -12.18018 1.000 31.00206 ? 45  GLU A OE1 1 
ATOM   352 O OE2 . GLU A 1 45 ? -10.15254 -1.59623  -10.26443 1.000 28.94894 ? 45  GLU A OE2 1 
ATOM   353 N N   . GLU A 1 46 ? -10.99113 2.59930   -6.90893  1.000 18.46926 ? 46  GLU A N   1 
ATOM   354 C CA  . GLU A 1 46 ? -10.25848 3.66180   -6.23190  1.000 17.80643 ? 46  GLU A CA  1 
ATOM   355 C C   . GLU A 1 46 ? -9.16998  3.09239   -5.33122  1.000 17.71749 ? 46  GLU A C   1 
ATOM   356 O O   . GLU A 1 46 ? -8.13829  3.73965   -5.11675  1.000 19.22996 ? 46  GLU A O   1 
ATOM   357 C CB  . GLU A 1 46 ? -11.23247 4.53205   -5.43526  1.000 17.52270 ? 46  GLU A CB  1 
ATOM   358 C CG  . GLU A 1 46 ? -10.58051 5.58801   -4.56669  1.000 20.38365 ? 46  GLU A CG  1 
ATOM   359 C CD  . GLU A 1 46 ? -10.42788 6.91230   -5.28423  1.000 21.86990 ? 46  GLU A CD  1 
ATOM   360 O OE1 . GLU A 1 46 ? -10.89384 7.02386   -6.43792  1.000 20.28561 ? 46  GLU A OE1 1 
ATOM   361 O OE2 . GLU A 1 46 ? -9.83905  7.84129   -4.69434  1.000 18.37951 ? 46  GLU A OE2 1 
ATOM   362 N N   . LEU A 1 47 ? -9.37186  1.87579   -4.81683  1.000 20.34870 ? 47  LEU A N   1 
ATOM   363 C CA  . LEU A 1 47 ? -8.37961  1.24606   -3.95042  1.000 18.33390 ? 47  LEU A CA  1 
ATOM   364 C C   . LEU A 1 47 ? -7.06271  1.03010   -4.68555  1.000 15.11557 ? 47  LEU A C   1 
ATOM   365 O O   . LEU A 1 47 ? -5.98428  1.30585   -4.14708  1.000 10.94604 ? 47  LEU A O   1 
ATOM   366 C CB  . LEU A 1 47 ? -8.92044  -0.08206  -3.41885  1.000 16.69252 ? 47  LEU A CB  1 
ATOM   367 C CG  . LEU A 1 47 ? -9.51081  -0.08303  -2.00787  1.000 20.12959 ? 47  LEU A CG  1 
ATOM   368 C CD1 . LEU A 1 47 ? -10.06812 -1.45753  -1.67364  1.000 13.29551 ? 47  LEU A CD1 1 
ATOM   369 C CD2 . LEU A 1 47 ? -8.47111  0.34729   -0.98140  1.000 15.00533 ? 47  LEU A CD2 1 
ATOM   370 N N   . GLU A 1 48 ? -7.12708  0.52763   -5.91926  1.000 18.25337 ? 48  GLU A N   1 
ATOM   371 C CA  . GLU A 1 48 ? -5.89954  0.32872   -6.68025  1.000 14.98995 ? 48  GLU A CA  1 
ATOM   372 C C   . GLU A 1 48 ? -5.33287  1.64989   -7.18226  1.000 14.88975 ? 48  GLU A C   1 
ATOM   373 O O   . GLU A 1 48 ? -4.11907  1.76724   -7.38162  1.000 18.56662 ? 48  GLU A O   1 
ATOM   374 C CB  . GLU A 1 48 ? -6.14630  -0.63950  -7.83787  1.000 18.78334 ? 48  GLU A CB  1 
ATOM   375 C CG  . GLU A 1 48 ? -4.89798  -0.97466  -8.63785  1.000 20.71419 ? 48  GLU A CG  1 
ATOM   376 C CD  . GLU A 1 48 ? -3.86492  -1.73182  -7.82258  1.000 21.63507 ? 48  GLU A CD  1 
ATOM   377 O OE1 . GLU A 1 48 ? -4.23962  -2.35531  -6.80695  1.000 28.59496 ? 48  GLU A OE1 1 
ATOM   378 O OE2 . GLU A 1 48 ? -2.67359  -1.70289  -8.19931  1.000 23.20623 ? 48  GLU A OE2 1 
ATOM   379 N N   . ARG A 1 49 ? -6.18605  2.65641   -7.37443  1.000 12.55873 ? 49  ARG A N   1 
ATOM   380 C CA  . ARG A 1 49 ? -5.69031  3.97978   -7.73336  1.000 16.18894 ? 49  ARG A CA  1 
ATOM   381 C C   . ARG A 1 49 ? -4.86637  4.58089   -6.60177  1.000 18.27579 ? 49  ARG A C   1 
ATOM   382 O O   . ARG A 1 49 ? -3.82800  5.20591   -6.84440  1.000 16.10352 ? 49  ARG A O   1 
ATOM   383 C CB  . ARG A 1 49 ? -6.85999  4.89300   -8.09480  1.000 20.81975 ? 49  ARG A CB  1 
ATOM   384 C CG  . ARG A 1 49 ? -7.55089  4.51481   -9.39178  1.000 24.19689 ? 49  ARG A CG  1 
ATOM   385 C CD  . ARG A 1 49 ? -8.19800  5.71963   -10.05314 1.000 23.83140 ? 49  ARG A CD  1 
ATOM   386 N NE  . ARG A 1 49 ? -9.50484  6.02465   -9.48267  1.000 23.40549 ? 49  ARG A NE  1 
ATOM   387 C CZ  . ARG A 1 49 ? -10.60525 5.31562   -9.69677  1.000 21.10555 ? 49  ARG A CZ  1 
ATOM   388 N NH1 . ARG A 1 49 ? -10.59517 4.23402   -10.45839 1.000 24.56587 ? 49  ARG A NH1 1 
ATOM   389 N NH2 . ARG A 1 49 ? -11.74637 5.70429   -9.13500  1.000 18.24591 ? 49  ARG A NH2 1 
ATOM   390 N N   . LEU A 1 50 ? -5.31234  4.39829   -5.35778  1.000 19.25787 ? 50  LEU A N   1 
ATOM   391 C CA  . LEU A 1 50 ? -4.55234  4.89748   -4.21847  1.000 13.18654 ? 50  LEU A CA  1 
ATOM   392 C C   . LEU A 1 50 ? -3.23427  4.15341   -4.05509  1.000 15.91556 ? 50  LEU A C   1 
ATOM   393 O O   . LEU A 1 50 ? -2.23164  4.75407   -3.65324  1.000 14.86952 ? 50  LEU A O   1 
ATOM   394 C CB  . LEU A 1 50 ? -5.38805  4.78225   -2.94592  1.000 16.21905 ? 50  LEU A CB  1 
ATOM   395 C CG  . LEU A 1 50 ? -4.92370  5.61475   -1.75268  1.000 15.03383 ? 50  LEU A CG  1 
ATOM   396 C CD1 . LEU A 1 50 ? -5.03357  7.09595   -2.06948  1.000 13.25035 ? 50  LEU A CD1 1 
ATOM   397 C CD2 . LEU A 1 50 ? -5.73421  5.25845   -0.51951  1.000 16.08053 ? 50  LEU A CD2 1 
ATOM   398 N N   . VAL A 1 51 ? -3.21523  2.85594   -4.36806  1.000 13.23129 ? 51  VAL A N   1 
ATOM   399 C CA  . VAL A 1 51 ? -1.99325  2.06689   -4.23156  1.000 15.71726 ? 51  VAL A CA  1 
ATOM   400 C C   . VAL A 1 51 ? -0.91137  2.59054   -5.16966  1.000 16.32534 ? 51  VAL A C   1 
ATOM   401 O O   . VAL A 1 51 ? 0.23256   2.81994   -4.75961  1.000 17.88850 ? 51  VAL A O   1 
ATOM   402 C CB  . VAL A 1 51 ? -2.28586  0.57745   -4.48653  1.000 14.72454 ? 51  VAL A CB  1 
ATOM   403 C CG1 . VAL A 1 51 ? -0.99339  -0.18269  -4.73552  1.000 14.55571 ? 51  VAL A CG1 1 
ATOM   404 C CG2 . VAL A 1 51 ? -3.05337  -0.02295  -3.31779  1.000 12.09426 ? 51  VAL A CG2 1 
ATOM   405 N N   . ARG A 1 52 ? -1.25397  2.78302   -6.44660  1.000 16.33997 ? 52  ARG A N   1 
ATOM   406 C CA  . ARG A 1 52 ? -0.26103  3.28546   -7.39144  1.000 18.77840 ? 52  ARG A CA  1 
ATOM   407 C C   . ARG A 1 52 ? 0.12689   4.72401   -7.08037  1.000 17.03760 ? 52  ARG A C   1 
ATOM   408 O O   . ARG A 1 52 ? 1.26854   5.12215   -7.33495  1.000 19.93008 ? 52  ARG A O   1 
ATOM   409 C CB  . ARG A 1 52 ? -0.77436  3.17275   -8.82797  1.000 16.02820 ? 52  ARG A CB  1 
ATOM   410 C CG  . ARG A 1 52 ? -2.17514  3.70334   -9.03804  1.000 19.61100 ? 52  ARG A CG  1 
ATOM   411 C CD  . ARG A 1 52 ? -2.74410  3.25668   -10.37710 1.000 20.95990 ? 52  ARG A CD  1 
ATOM   412 N NE  . ARG A 1 52 ? -3.56030  4.29608   -10.99330 1.000 25.74290 ? 52  ARG A NE  1 
ATOM   413 C CZ  . ARG A 1 52 ? -3.07793  5.33559   -11.66071 1.000 25.07425 ? 52  ARG A CZ  1 
ATOM   414 N NH1 . ARG A 1 52 ? -1.77766  5.50177   -11.83708 1.000 29.15462 ? 52  ARG A NH1 1 
ATOM   415 N NH2 . ARG A 1 52 ? -3.92186  6.23224   -12.16248 1.000 28.77593 ? 52  ARG A NH2 1 
ATOM   416 N N   . GLU A 1 53 ? -0.80208  5.51267   -6.53542  1.000 18.96646 ? 53  GLU A N   1 
ATOM   417 C CA  . GLU A 1 53 ? -0.46781  6.86519   -6.10191  1.000 18.98320 ? 53  GLU A CA  1 
ATOM   418 C C   . GLU A 1 53 ? 0.58528   6.83674   -5.00244  1.000 21.33289 ? 53  GLU A C   1 
ATOM   419 O O   . GLU A 1 53 ? 1.55760   7.60134   -5.03381  1.000 22.65869 ? 53  GLU A O   1 
ATOM   420 C CB  . GLU A 1 53 ? -1.72619  7.58831   -5.62174  1.000 19.86322 ? 53  GLU A CB  1 
ATOM   421 C CG  . GLU A 1 53 ? -1.44410  8.85082   -4.81730  1.000 25.62764 ? 53  GLU A CG  1 
ATOM   422 C CD  . GLU A 1 53 ? -2.48960  9.92989   -5.02786  1.000 31.15547 ? 53  GLU A CD  1 
ATOM   423 O OE1 . GLU A 1 53 ? -2.85797  10.18243  -6.19468  1.000 34.79427 ? 53  GLU A OE1 1 
ATOM   424 O OE2 . GLU A 1 53 ? -2.94009  10.52845  -4.02673  1.000 28.35356 ? 53  GLU A OE2 1 
ATOM   425 N N   . VAL A 1 54 ? 0.40399   5.95568   -4.01686  1.000 11.75568 ? 54  VAL A N   1 
ATOM   426 C CA  . VAL A 1 54 ? 1.39069   5.82156   -2.94992  1.000 17.93631 ? 54  VAL A CA  1 
ATOM   427 C C   . VAL A 1 54 ? 2.71531   5.32592   -3.51454  1.000 18.79301 ? 54  VAL A C   1 
ATOM   428 O O   . VAL A 1 54 ? 3.79196   5.76673   -3.09219  1.000 16.53839 ? 54  VAL A O   1 
ATOM   429 C CB  . VAL A 1 54 ? 0.85339   4.89450   -1.84377  1.000 17.49537 ? 54  VAL A CB  1 
ATOM   430 C CG1 . VAL A 1 54 ? 1.92913   4.61236   -0.80796  1.000 9.92344  ? 54  VAL A CG1 1 
ATOM   431 C CG2 . VAL A 1 54 ? -0.37450  5.51640   -1.18846  1.000 16.11355 ? 54  VAL A CG2 1 
ATOM   432 N N   . LYS A 1 55 ? 2.65763   4.41728   -4.49293  1.000 19.90057 ? 55  LYS A N   1 
ATOM   433 C CA  . LYS A 1 55 ? 3.87651   3.95099   -5.14721  1.000 20.59315 ? 55  LYS A CA  1 
ATOM   434 C C   . LYS A 1 55 ? 4.64216   5.09686   -5.79692  1.000 19.78459 ? 55  LYS A C   1 
ATOM   435 O O   . LYS A 1 55 ? 5.86569   5.01362   -5.95413  1.000 25.66151 ? 55  LYS A O   1 
ATOM   436 C CB  . LYS A 1 55 ? 3.53811   2.88165   -6.18561  1.000 17.70684 ? 55  LYS A CB  1 
ATOM   437 C CG  . LYS A 1 55 ? 3.59603   1.46229   -5.65067  1.000 20.48889 ? 55  LYS A CG  1 
ATOM   438 C CD  . LYS A 1 55 ? 4.25194   0.52080   -6.64647  1.000 24.95339 ? 55  LYS A CD  1 
ATOM   439 C CE  . LYS A 1 55 ? 3.47183   -0.77644  -6.77122  1.000 22.79092 ? 55  LYS A CE  1 
ATOM   440 N NZ  . LYS A 1 55 ? 4.13074   -1.73432  -7.70200  1.000 21.23382 ? 55  LYS A NZ  1 
ATOM   441 N N   . LYS A 1 56 ? 3.94721   6.17094   -6.18202  1.000 16.38010 ? 56  LYS A N   1 
ATOM   442 C CA  . LYS A 1 56 ? 4.63292   7.34624   -6.70663  1.000 25.23605 ? 56  LYS A CA  1 
ATOM   443 C C   . LYS A 1 56 ? 5.37187   8.11652   -5.62001  1.000 28.76668 ? 56  LYS A C   1 
ATOM   444 O O   . LYS A 1 56 ? 6.30322   8.86633   -5.93285  1.000 32.81847 ? 56  LYS A O   1 
ATOM   445 C CB  . LYS A 1 56 ? 3.64033   8.27290   -7.40965  1.000 23.33625 ? 56  LYS A CB  1 
ATOM   446 C CG  . LYS A 1 56 ? 2.87824   7.62496   -8.55118  1.000 25.07171 ? 56  LYS A CG  1 
ATOM   447 C CD  . LYS A 1 56 ? 2.10828   8.66117   -9.35447  1.000 19.12420 ? 56  LYS A CD  1 
ATOM   448 C CE  . LYS A 1 56 ? 0.99889   8.01840   -10.17488 1.000 22.80801 ? 56  LYS A CE  1 
ATOM   449 N NZ  . LYS A 1 56 ? 1.52026   6.96880   -11.09263 1.000 27.09201 ? 56  LYS A NZ  1 
ATOM   450 N N   . ARG A 1 57 ? 4.97689   7.95210   -4.35863  1.000 24.76087 ? 57  ARG A N   1 
ATOM   451 C CA  . ARG A 1 57 ? 5.63944   8.60679   -3.23985  1.000 24.23472 ? 57  ARG A CA  1 
ATOM   452 C C   . ARG A 1 57 ? 6.84142   7.82871   -2.72269  1.000 25.67914 ? 57  ARG A C   1 
ATOM   453 O O   . ARG A 1 57 ? 7.62677   8.37760   -1.94213  1.000 27.98415 ? 57  ARG A O   1 
ATOM   454 C CB  . ARG A 1 57 ? 4.64535   8.82197   -2.09417  1.000 26.13485 ? 57  ARG A CB  1 
ATOM   455 C CG  . ARG A 1 57 ? 3.31464   9.41542   -2.52867  1.000 26.24030 ? 57  ARG A CG  1 
ATOM   456 C CD  . ARG A 1 57 ? 2.68704   10.23582  -1.41417  1.000 24.32405 ? 57  ARG A CD  1 
ATOM   457 N NE  . ARG A 1 57 ? 1.38510   10.76902  -1.79585  1.000 25.54627 ? 57  ARG A NE  1 
ATOM   458 C CZ  . ARG A 1 57 ? 0.34103   10.84520  -0.98268  1.000 29.74289 ? 57  ARG A CZ  1 
ATOM   459 N NH1 . ARG A 1 57 ? 0.41085   10.43118  0.27184   1.000 33.48628 ? 57  ARG A NH1 1 
ATOM   460 N NH2 . ARG A 1 57 ? -0.80054  11.35349  -1.43819  1.000 23.88593 ? 57  ARG A NH2 1 
ATOM   461 N N   . LEU A 1 58 ? 7.00340   6.57619   -3.13308  1.000 24.40424 ? 58  LEU A N   1 
ATOM   462 C CA  . LEU A 1 58 ? 8.10985   5.74956   -2.66790  1.000 22.28640 ? 58  LEU A CA  1 
ATOM   463 C C   . LEU A 1 58 ? 9.15488   5.55352   -3.76239  1.000 20.75342 ? 58  LEU A C   1 
ATOM   464 O O   . LEU A 1 58 ? 10.30479  5.21567   -3.48655  1.000 14.93601 ? 58  LEU A O   1 
ATOM   465 C CB  . LEU A 1 58 ? 7.59187   4.39455   -2.18373  1.000 15.10454 ? 58  LEU A CB  1 
ATOM   466 C CG  . LEU A 1 58 ? 7.06716   4.33483   -0.74808  1.000 13.88553 ? 58  LEU A CG  1 
ATOM   467 C CD1 . LEU A 1 58 ? 5.58022   4.60219   -0.70252  1.000 15.42904 ? 58  LEU A CD1 1 
ATOM   468 C CD2 . LEU A 1 58 ? 7.37043   2.98006   -0.14409  1.000 15.34429 ? 58  LEU A CD2 1 
ATOM   469 O OXT . LEU A 1 58 ? 8.87648   5.73145   -4.94760  1.000 27.41127 ? 58  LEU A OXT 1 
HETATM 470 C C1  . GOL B 2 .  ? -5.11832  -6.60349  -15.60479 1.000 16.29191 ? 101 GOL A C1  1 
HETATM 471 O O1  . GOL B 2 .  ? -5.45044  -7.43724  -14.53752 1.000 19.09764 ? 101 GOL A O1  1 
HETATM 472 C C2  . GOL B 2 .  ? -4.04061  -5.60757  -15.09716 1.000 24.00635 ? 101 GOL A C2  1 
HETATM 473 O O2  . GOL B 2 .  ? -3.56410  -4.79221  -16.11358 1.000 21.55343 ? 101 GOL A O2  1 
HETATM 474 C C3  . GOL B 2 .  ? -4.73809  -4.79052  -13.98950 1.000 26.66004 ? 101 GOL A C3  1 
HETATM 475 O O3  . GOL B 2 .  ? -3.83708  -3.79950  -13.60028 1.000 23.61905 ? 101 GOL A O3  1 
HETATM 476 C C1  . GOL C 2 .  ? 1.37818   -10.85736 -7.98248  1.000 23.53468 ? 102 GOL A C1  1 
HETATM 477 O O1  . GOL C 2 .  ? 2.69268   -10.43228 -8.14607  1.000 48.00081 ? 102 GOL A O1  1 
HETATM 478 C C2  . GOL C 2 .  ? 0.63735   -10.52885 -9.29720  1.000 21.35679 ? 102 GOL A C2  1 
HETATM 479 O O2  . GOL C 2 .  ? 1.13975   -11.24580 -10.37226 1.000 25.13003 ? 102 GOL A O2  1 
HETATM 480 C C3  . GOL C 2 .  ? -0.83568  -10.86954 -9.00693  1.000 20.36684 ? 102 GOL A C3  1 
HETATM 481 O O3  . GOL C 2 .  ? -1.19395  -10.13348 -7.88046  1.000 16.53009 ? 102 GOL A O3  1 
HETATM 482 C C1  . GOL D 2 .  ? -3.04855  12.51513  -11.24099 1.000 31.62094 ? 103 GOL A C1  1 
HETATM 483 O O1  . GOL D 2 .  ? -1.92746  13.31364  -11.46810 1.000 27.91938 ? 103 GOL A O1  1 
HETATM 484 C C2  . GOL D 2 .  ? -2.63011  11.45778  -10.19766 1.000 25.86069 ? 103 GOL A C2  1 
HETATM 485 O O2  . GOL D 2 .  ? -1.84055  12.01164  -9.20147  1.000 19.99011 ? 103 GOL A O2  1 
HETATM 486 C C3  . GOL D 2 .  ? -3.95743  10.87468  -9.63708  1.000 26.15208 ? 103 GOL A C3  1 
HETATM 487 O O3  . GOL D 2 .  ? -4.88291  10.85006  -10.68068 1.000 24.67412 ? 103 GOL A O3  1 
HETATM 488 C C1  . GOL E 2 .  ? -5.84599  5.30704   -16.19880 1.000 33.46024 ? 104 GOL A C1  1 
HETATM 489 O O1  . GOL E 2 .  ? -4.67969  5.05570   -15.47720 1.000 35.85537 ? 104 GOL A O1  1 
HETATM 490 C C2  . GOL E 2 .  ? -5.46051  6.26458   -17.34752 1.000 29.57756 ? 104 GOL A C2  1 
HETATM 491 O O2  . GOL E 2 .  ? -6.55964  6.63444   -18.11083 1.000 29.71638 ? 104 GOL A O2  1 
HETATM 492 C C3  . GOL E 2 .  ? -4.79776  7.47216   -16.64891 1.000 32.75292 ? 104 GOL A C3  1 
HETATM 493 O O3  . GOL E 2 .  ? -4.30776  8.29823   -17.65783 1.000 23.50214 ? 104 GOL A O3  1 
HETATM 494 O O   . HOH F 3 .  ? 1.53517   -4.02068  -10.33809 1.000 13.47076 ? 201 HOH A O   1 
HETATM 495 O O   . HOH F 3 .  ? 2.39051   4.10681   -9.11897  1.000 22.32690 ? 202 HOH A O   1 
HETATM 496 O O   . HOH F 3 .  ? 5.05174   8.80147   6.67686   1.000 9.24636  ? 203 HOH A O   1 
HETATM 497 O O   . HOH F 3 .  ? -10.60198 4.24138   1.04501   1.000 17.05642 ? 204 HOH A O   1 
HETATM 498 O O   . HOH F 3 .  ? -5.14363  2.93070   -12.55154 1.000 20.97756 ? 205 HOH A O   1 
HETATM 499 O O   . HOH F 3 .  ? 7.76146   2.24667   13.41831  1.000 6.47416  ? 206 HOH A O   1 
HETATM 500 O O   . HOH F 3 .  ? 14.39993  -7.14877  2.81080   1.000 10.30938 ? 207 HOH A O   1 
HETATM 501 O O   . HOH F 3 .  ? -14.07228 2.67992   7.87084   1.000 21.65938 ? 208 HOH A O   1 
HETATM 502 O O   . HOH F 3 .  ? -10.82610 -3.52365  6.38168   1.000 16.97519 ? 209 HOH A O   1 
HETATM 503 O O   . HOH F 3 .  ? -9.42407  -9.92111  -8.65397  1.000 9.99125  ? 210 HOH A O   1 
HETATM 504 O O   . HOH F 3 .  ? 11.50327  10.76848  6.07029   1.000 12.48352 ? 211 HOH A O   1 
HETATM 505 O O   . HOH F 3 .  ? -6.00951  -3.06569  -17.33784 0.50  16.96278 ? 212 HOH A O   1 
HETATM 506 O O   . HOH F 3 .  ? 5.15216   -9.48971  0.50832   1.000 16.21410 ? 213 HOH A O   1 
HETATM 507 O O   . HOH F 3 .  ? -4.76077  13.81996  -8.84521  1.000 32.92635 ? 214 HOH A O   1 
HETATM 508 O O   . HOH F 3 .  ? -6.55732  -1.69640  -14.48422 1.000 26.75158 ? 215 HOH A O   1 
HETATM 509 O O   . HOH F 3 .  ? 0.67633   11.44870  3.95487   1.000 18.81085 ? 216 HOH A O   1 
HETATM 510 O O   . HOH F 3 .  ? -3.51506  10.86465  -14.29743 1.000 25.11777 ? 217 HOH A O   1 
HETATM 511 O O   . HOH F 3 .  ? 9.35774   -0.75952  14.87432  1.000 15.56792 ? 218 HOH A O   1 
# 
